data_8I90
#
_entry.id   8I90
#
_cell.length_a   55.654
_cell.length_b   74.928
_cell.length_c   112.404
_cell.angle_alpha   90.000
_cell.angle_beta   92.943
_cell.angle_gamma   90.000
#
_symmetry.space_group_name_H-M   'P 1 21 1'
#
loop_
_entity.id
_entity.type
_entity.pdbx_description
1 polymer Glycosyltransferase
2 non-polymer "URIDINE-5'-DIPHOSPHATE-GLUCOSE"
3 water water
#
_entity_poly.entity_id   1
_entity_poly.type   'polypeptide(L)'
_entity_poly.pdbx_seq_one_letter_code
;SFTSSGMECKNPDSLHVFLVSAPGQGNVTPMLRLAKSLASKGLLVTFSTPESYGKEMRKTNDDISDQPILIGEGSIRFEF
LDDEWDENEHKGEGLDAYATHLERVGKQNLPRMFKKHEEEGRPISCIINNPFIPWVPEVAESLGIPSALLWVQSCASFSS
YYHFFNDLVSFPTESNLKKDVCLPSMPMLKYDEVPLLLYPIVPLPIISLKNAMLRQQKNLSKTFCVLVDTFQQLEDELIH
YLSKLCPIRPIGPLFKISDTSSSNISGDIRKADDCIEWLDSKSPSSVVYISFGSIVHLKQEQITEIAYALMNINISFLWV
MKPPQKDSYDKQHVLPQGFLEKVGEKGKVVKWSPQEQVLSHQSLACFVTHCGWNSSMEALANGIRVVTLPQWGDQVTNAK
FLVDVFGVGVRLSRGDLEDRIIPREEIELRLLEVTSGEKATEMKHNALRWKKAAEEAVAKDGSSSKNLQEFVDELNNFRF
IT
;
_entity_poly.pdbx_strand_id   A,B
#
# COMPACT_ATOMS: atom_id res chain seq x y z
N SER A 14 20.76 -20.75 23.87
CA SER A 14 22.05 -21.04 24.49
C SER A 14 23.21 -20.73 23.56
N LEU A 15 23.29 -21.48 22.48
CA LEU A 15 24.38 -21.38 21.51
C LEU A 15 24.15 -20.19 20.59
N HIS A 16 25.15 -19.33 20.46
CA HIS A 16 25.07 -18.22 19.52
C HIS A 16 25.48 -18.73 18.14
N VAL A 17 24.51 -18.79 17.23
CA VAL A 17 24.75 -19.21 15.86
C VAL A 17 24.42 -18.01 14.97
N PHE A 18 25.43 -17.56 14.22
CA PHE A 18 25.33 -16.39 13.36
C PHE A 18 25.02 -16.84 11.95
N LEU A 19 23.94 -16.29 11.40
CA LEU A 19 23.52 -16.55 10.04
C LEU A 19 23.69 -15.27 9.23
N VAL A 20 24.15 -15.41 8.00
CA VAL A 20 24.43 -14.26 7.15
C VAL A 20 24.02 -14.61 5.73
N SER A 21 23.16 -13.79 5.14
CA SER A 21 22.62 -14.04 3.82
C SER A 21 23.11 -12.99 2.85
N ALA A 22 23.26 -13.41 1.59
CA ALA A 22 23.40 -12.47 0.51
C ALA A 22 22.12 -11.65 0.41
N PRO A 23 22.17 -10.46 -0.22
CA PRO A 23 20.93 -9.70 -0.37
C PRO A 23 20.00 -10.38 -1.36
N GLY A 24 18.71 -10.18 -1.18
CA GLY A 24 17.80 -10.79 -2.12
C GLY A 24 16.85 -11.80 -1.53
N GLN A 25 15.61 -11.77 -2.03
CA GLN A 25 14.57 -12.68 -1.60
C GLN A 25 15.04 -14.13 -1.69
N GLY A 26 15.59 -14.53 -2.85
CA GLY A 26 15.98 -15.91 -3.06
C GLY A 26 16.93 -16.45 -2.01
N ASN A 27 17.76 -15.59 -1.42
CA ASN A 27 18.72 -16.02 -0.40
C ASN A 27 18.26 -15.74 1.02
N VAL A 28 17.52 -14.64 1.24
CA VAL A 28 17.11 -14.29 2.59
C VAL A 28 16.00 -15.21 3.09
N THR A 29 15.03 -15.51 2.24
CA THR A 29 13.93 -16.40 2.61
C THR A 29 14.42 -17.73 3.20
N PRO A 30 15.37 -18.44 2.59
CA PRO A 30 15.82 -19.69 3.23
C PRO A 30 16.63 -19.47 4.50
N MET A 31 17.54 -18.49 4.50
CA MET A 31 18.33 -18.22 5.68
C MET A 31 17.44 -17.87 6.86
N LEU A 32 16.43 -17.02 6.63
CA LEU A 32 15.49 -16.65 7.69
C LEU A 32 14.64 -17.85 8.10
N ARG A 33 14.19 -18.63 7.12
CA ARG A 33 13.44 -19.84 7.43
C ARG A 33 14.30 -20.77 8.29
N LEU A 34 15.58 -20.93 7.93
CA LEU A 34 16.47 -21.76 8.72
C LEU A 34 16.73 -21.13 10.08
N ALA A 35 16.85 -19.80 10.13
CA ALA A 35 17.00 -19.13 11.42
C ALA A 35 15.85 -19.47 12.36
N LYS A 36 14.62 -19.46 11.85
CA LYS A 36 13.47 -19.77 12.69
C LYS A 36 13.49 -21.24 13.12
N SER A 37 13.91 -22.14 12.23
CA SER A 37 14.12 -23.53 12.60
C SER A 37 15.09 -23.65 13.77
N LEU A 38 16.25 -23.02 13.67
CA LEU A 38 17.26 -23.17 14.71
C LEU A 38 16.78 -22.56 16.02
N ALA A 39 16.21 -21.35 15.97
CA ALA A 39 15.68 -20.74 17.18
C ALA A 39 14.64 -21.63 17.84
N SER A 40 13.72 -22.18 17.04
CA SER A 40 12.76 -23.13 17.58
C SER A 40 13.47 -24.29 18.27
N LYS A 41 14.64 -24.72 17.75
CA LYS A 41 15.37 -25.79 18.42
C LYS A 41 16.08 -25.33 19.69
N GLY A 42 15.81 -24.10 20.13
CA GLY A 42 16.43 -23.55 21.32
C GLY A 42 17.87 -23.11 21.11
N LEU A 43 18.08 -22.11 20.27
CA LEU A 43 19.41 -21.53 20.07
C LEU A 43 19.30 -20.03 19.92
N LEU A 44 20.38 -19.33 20.24
CA LEU A 44 20.48 -17.91 19.94
C LEU A 44 20.94 -17.78 18.49
N VAL A 45 20.07 -17.25 17.63
CA VAL A 45 20.36 -17.12 16.22
C VAL A 45 20.41 -15.64 15.88
N THR A 46 21.54 -15.20 15.35
CA THR A 46 21.67 -13.85 14.83
C THR A 46 21.60 -13.91 13.31
N PHE A 47 20.51 -13.40 12.74
CA PHE A 47 20.42 -13.26 11.31
C PHE A 47 21.09 -11.95 10.92
N SER A 48 21.76 -11.96 9.77
CA SER A 48 22.50 -10.79 9.30
C SER A 48 22.39 -10.71 7.79
N THR A 49 22.19 -9.51 7.29
CA THR A 49 22.15 -9.25 5.86
C THR A 49 22.67 -7.84 5.63
N PRO A 50 23.13 -7.52 4.43
CA PRO A 50 23.63 -6.17 4.17
C PRO A 50 22.57 -5.13 4.43
N GLU A 51 23.00 -4.01 5.02
CA GLU A 51 22.05 -3.00 5.51
C GLU A 51 21.19 -2.46 4.39
N SER A 52 21.82 -2.10 3.26
CA SER A 52 21.07 -1.59 2.10
C SER A 52 19.89 -2.48 1.77
N TYR A 53 20.01 -3.79 2.03
CA TYR A 53 18.86 -4.68 1.86
C TYR A 53 18.06 -4.81 3.16
N GLY A 54 18.72 -4.89 4.31
CA GLY A 54 17.99 -4.89 5.57
C GLY A 54 17.08 -3.68 5.72
N LYS A 55 17.47 -2.55 5.11
CA LYS A 55 16.63 -1.36 5.16
C LYS A 55 15.27 -1.62 4.55
N GLU A 56 15.22 -2.40 3.47
CA GLU A 56 13.98 -2.60 2.73
C GLU A 56 13.06 -3.62 3.36
N MET A 57 13.59 -4.55 4.17
CA MET A 57 12.74 -5.48 4.92
C MET A 57 12.41 -4.99 6.32
N ARG A 58 13.12 -3.97 6.83
CA ARG A 58 12.73 -3.38 8.11
C ARG A 58 11.63 -2.35 7.94
N LYS A 59 11.57 -1.68 6.79
CA LYS A 59 10.45 -0.77 6.53
C LYS A 59 9.16 -1.56 6.34
N THR A 60 9.21 -2.68 5.62
CA THR A 60 8.02 -3.48 5.37
C THR A 60 7.67 -4.42 6.51
N ASN A 61 8.49 -4.49 7.56
CA ASN A 61 8.22 -5.38 8.68
C ASN A 61 8.36 -4.65 10.00
N ASP A 62 7.33 -4.76 10.85
CA ASP A 62 7.37 -4.18 12.19
C ASP A 62 7.89 -5.14 13.24
N ASP A 63 7.86 -6.46 12.96
CA ASP A 63 8.45 -7.44 13.86
C ASP A 63 9.87 -7.84 13.45
N ILE A 64 10.55 -6.97 12.74
CA ILE A 64 11.98 -7.08 12.53
C ILE A 64 12.56 -5.95 13.39
N SER A 65 12.27 -6.04 14.69
CA SER A 65 12.16 -4.89 15.60
C SER A 65 13.21 -4.90 16.70
N ASP A 66 14.48 -5.14 16.34
CA ASP A 66 15.64 -4.88 17.19
C ASP A 66 15.46 -5.40 18.62
N GLN A 67 14.62 -6.41 18.78
CA GLN A 67 14.60 -7.31 19.92
C GLN A 67 14.57 -8.71 19.36
N PRO A 68 15.01 -9.70 20.13
CA PRO A 68 14.76 -11.08 19.72
C PRO A 68 13.27 -11.37 19.66
N ILE A 69 12.85 -12.03 18.59
CA ILE A 69 11.54 -12.67 18.52
C ILE A 69 11.71 -14.04 19.14
N LEU A 70 11.10 -14.26 20.30
CA LEU A 70 11.20 -15.53 20.98
C LEU A 70 10.52 -16.60 20.14
N ILE A 71 11.29 -17.58 19.66
CA ILE A 71 10.75 -18.71 18.93
C ILE A 71 11.06 -19.96 19.73
N GLY A 72 10.05 -20.82 19.91
CA GLY A 72 10.20 -22.06 20.66
C GLY A 72 10.93 -21.86 21.96
N GLU A 73 12.10 -22.47 22.09
CA GLU A 73 12.97 -22.26 23.23
C GLU A 73 14.11 -21.30 22.94
N GLY A 74 14.18 -20.75 21.73
CA GLY A 74 15.25 -19.86 21.33
C GLY A 74 14.82 -18.47 20.90
N SER A 75 15.67 -17.78 20.14
CA SER A 75 15.41 -16.38 19.82
C SER A 75 16.21 -15.97 18.58
N ILE A 76 15.80 -14.84 17.99
CA ILE A 76 16.34 -14.36 16.74
C ILE A 76 16.60 -12.87 16.85
N ARG A 77 17.87 -12.47 16.93
CA ARG A 77 18.29 -11.07 16.85
C ARG A 77 18.74 -10.74 15.44
N PHE A 78 18.52 -9.48 15.04
CA PHE A 78 18.80 -8.98 13.70
C PHE A 78 19.97 -8.01 13.75
N GLU A 79 21.13 -8.45 13.30
CA GLU A 79 22.36 -7.64 13.31
C GLU A 79 22.83 -7.49 11.86
N PHE A 80 22.23 -6.52 11.16
CA PHE A 80 22.56 -6.30 9.76
C PHE A 80 24.01 -5.85 9.60
N LEU A 81 24.73 -6.49 8.69
CA LEU A 81 26.07 -6.06 8.34
C LEU A 81 26.03 -4.66 7.73
N ASP A 82 27.02 -3.84 8.08
CA ASP A 82 27.04 -2.45 7.61
C ASP A 82 27.48 -2.43 6.15
N ASP A 83 26.56 -2.07 5.26
CA ASP A 83 26.83 -2.06 3.82
C ASP A 83 27.67 -0.86 3.39
N GLU A 84 27.66 0.22 4.18
CA GLU A 84 28.43 1.43 3.89
C GLU A 84 28.26 1.83 2.42
N TRP A 85 27.00 2.11 2.08
CA TRP A 85 26.54 2.11 0.71
C TRP A 85 25.46 3.19 0.51
N ASP A 96 28.55 -6.28 -9.93
CA ASP A 96 29.80 -6.91 -9.49
C ASP A 96 30.73 -5.87 -8.89
N ALA A 97 30.57 -4.60 -9.28
CA ALA A 97 31.20 -3.53 -8.53
C ALA A 97 30.82 -3.62 -7.06
N TYR A 98 29.56 -3.99 -6.80
CA TYR A 98 29.08 -4.15 -5.43
C TYR A 98 29.62 -5.43 -4.79
N ALA A 99 29.81 -6.49 -5.58
CA ALA A 99 30.20 -7.77 -5.01
C ALA A 99 31.53 -7.66 -4.28
N THR A 100 32.52 -7.04 -4.91
CA THR A 100 33.81 -6.84 -4.28
C THR A 100 33.73 -5.83 -3.14
N HIS A 101 32.85 -4.83 -3.27
CA HIS A 101 32.62 -3.89 -2.16
C HIS A 101 32.06 -4.61 -0.94
N LEU A 102 31.02 -5.42 -1.16
CA LEU A 102 30.45 -6.16 -0.03
C LEU A 102 31.47 -7.12 0.57
N GLU A 103 32.30 -7.74 -0.27
CA GLU A 103 33.35 -8.59 0.26
C GLU A 103 34.33 -7.76 1.09
N ARG A 104 34.87 -6.69 0.49
CA ARG A 104 35.86 -5.87 1.18
C ARG A 104 35.32 -5.34 2.50
N VAL A 105 34.24 -4.55 2.44
CA VAL A 105 33.62 -4.05 3.66
C VAL A 105 33.36 -5.18 4.64
N GLY A 106 32.87 -6.31 4.13
CA GLY A 106 32.41 -7.38 5.00
C GLY A 106 33.53 -8.12 5.70
N LYS A 107 34.66 -8.34 5.00
CA LYS A 107 35.79 -9.05 5.61
C LYS A 107 36.42 -8.25 6.74
N GLN A 108 36.13 -6.96 6.83
CA GLN A 108 36.57 -6.13 7.95
C GLN A 108 35.50 -5.94 9.00
N ASN A 109 34.26 -5.67 8.59
CA ASN A 109 33.17 -5.40 9.53
C ASN A 109 32.59 -6.67 10.15
N LEU A 110 32.77 -7.83 9.52
CA LEU A 110 32.30 -9.08 10.13
C LEU A 110 33.06 -9.41 11.41
N PRO A 111 34.40 -9.43 11.45
CA PRO A 111 35.08 -9.64 12.73
C PRO A 111 34.78 -8.55 13.74
N ARG A 112 34.58 -7.30 13.29
CA ARG A 112 34.12 -6.23 14.18
C ARG A 112 32.93 -6.70 14.99
N MET A 113 32.05 -7.50 14.38
CA MET A 113 30.86 -8.00 15.06
C MET A 113 31.17 -9.22 15.91
N PHE A 114 32.23 -9.96 15.59
CA PHE A 114 32.62 -11.14 16.36
C PHE A 114 33.49 -10.80 17.56
N LYS A 115 33.97 -9.57 17.65
CA LYS A 115 34.64 -9.09 18.86
C LYS A 115 33.62 -8.53 19.84
N LYS A 116 32.75 -7.63 19.36
CA LYS A 116 31.66 -7.13 20.19
C LYS A 116 30.86 -8.27 20.79
N HIS A 117 30.60 -9.32 19.98
CA HIS A 117 29.81 -10.45 20.46
C HIS A 117 30.59 -11.28 21.47
N GLU A 118 31.83 -11.66 21.13
CA GLU A 118 32.61 -12.48 22.04
C GLU A 118 32.84 -11.77 23.37
N GLU A 119 33.13 -10.48 23.31
CA GLU A 119 33.48 -9.74 24.52
C GLU A 119 32.22 -9.29 25.23
N GLU A 120 31.13 -10.05 25.03
CA GLU A 120 29.92 -9.93 25.83
C GLU A 120 29.46 -11.30 26.31
N GLY A 121 30.40 -12.24 26.46
CA GLY A 121 30.10 -13.55 26.99
C GLY A 121 29.33 -14.48 26.10
N ARG A 122 28.79 -13.99 24.97
CA ARG A 122 28.06 -14.81 24.00
C ARG A 122 28.83 -14.82 22.68
N PRO A 123 29.79 -15.74 22.52
CA PRO A 123 30.53 -15.82 21.27
C PRO A 123 29.92 -16.80 20.28
N ILE A 124 30.10 -16.46 19.00
CA ILE A 124 29.58 -17.29 17.92
C ILE A 124 30.31 -18.62 17.88
N SER A 125 29.56 -19.69 17.63
CA SER A 125 30.15 -21.02 17.48
C SER A 125 29.95 -21.59 16.08
N CYS A 126 29.21 -20.89 15.21
CA CYS A 126 29.03 -21.33 13.83
C CYS A 126 28.53 -20.16 12.99
N ILE A 127 29.11 -20.03 11.80
CA ILE A 127 28.67 -19.08 10.79
C ILE A 127 28.05 -19.87 9.66
N ILE A 128 26.81 -19.54 9.30
CA ILE A 128 26.15 -20.13 8.14
C ILE A 128 25.96 -19.04 7.10
N ASN A 129 26.44 -19.30 5.87
CA ASN A 129 26.24 -18.39 4.75
C ASN A 129 25.58 -19.16 3.61
N ASN A 130 25.09 -18.42 2.62
CA ASN A 130 24.62 -18.95 1.35
C ASN A 130 25.64 -18.66 0.26
N PRO A 131 25.61 -19.39 -0.87
CA PRO A 131 26.72 -19.33 -1.84
C PRO A 131 27.09 -17.95 -2.35
N PHE A 132 26.15 -17.04 -2.51
CA PHE A 132 26.45 -15.76 -3.16
C PHE A 132 27.19 -14.79 -2.27
N ILE A 133 27.71 -15.25 -1.13
CA ILE A 133 28.75 -14.54 -0.40
C ILE A 133 29.82 -15.57 -0.07
N PRO A 134 30.47 -16.15 -1.07
CA PRO A 134 31.28 -17.36 -0.85
C PRO A 134 32.57 -17.11 -0.09
N TRP A 135 32.92 -15.86 0.15
CA TRP A 135 34.09 -15.56 0.96
C TRP A 135 33.84 -15.73 2.45
N VAL A 136 32.57 -15.83 2.88
CA VAL A 136 32.30 -15.90 4.32
C VAL A 136 33.05 -17.05 4.99
N PRO A 137 33.06 -18.28 4.45
CA PRO A 137 33.85 -19.34 5.09
C PRO A 137 35.31 -18.98 5.34
N GLU A 138 35.94 -18.25 4.41
CA GLU A 138 37.32 -17.81 4.62
C GLU A 138 37.45 -16.99 5.91
N VAL A 139 36.66 -15.91 6.02
CA VAL A 139 36.66 -15.10 7.23
C VAL A 139 36.41 -15.97 8.47
N ALA A 140 35.44 -16.89 8.38
CA ALA A 140 35.18 -17.79 9.50
C ALA A 140 36.43 -18.54 9.90
N GLU A 141 37.05 -19.23 8.95
CA GLU A 141 38.26 -19.99 9.26
C GLU A 141 39.41 -19.09 9.66
N SER A 142 39.40 -17.83 9.25
CA SER A 142 40.45 -16.91 9.71
C SER A 142 40.35 -16.67 11.20
N LEU A 143 39.14 -16.65 11.75
CA LEU A 143 38.93 -16.47 13.18
C LEU A 143 38.74 -17.79 13.92
N GLY A 144 38.93 -18.92 13.25
CA GLY A 144 38.72 -20.20 13.91
C GLY A 144 37.30 -20.48 14.32
N ILE A 145 36.32 -19.92 13.61
CA ILE A 145 34.91 -20.25 13.86
C ILE A 145 34.49 -21.29 12.83
N PRO A 146 33.77 -22.35 13.23
CA PRO A 146 33.27 -23.32 12.24
C PRO A 146 32.26 -22.69 11.27
N SER A 147 32.43 -23.03 9.99
CA SER A 147 31.66 -22.45 8.91
C SER A 147 30.70 -23.50 8.34
N ALA A 148 29.44 -23.10 8.14
CA ALA A 148 28.43 -23.97 7.54
C ALA A 148 27.80 -23.29 6.34
N LEU A 149 27.37 -24.08 5.37
CA LEU A 149 26.84 -23.60 4.11
C LEU A 149 25.37 -24.02 3.98
N LEU A 150 24.49 -23.03 3.83
CA LEU A 150 23.10 -23.29 3.45
C LEU A 150 23.02 -23.12 1.94
N TRP A 151 22.83 -24.23 1.25
CA TRP A 151 22.58 -24.22 -0.18
C TRP A 151 21.11 -23.91 -0.42
N VAL A 152 20.85 -22.96 -1.30
CA VAL A 152 19.50 -22.41 -1.49
C VAL A 152 18.90 -22.84 -2.82
N GLN A 153 19.43 -23.91 -3.42
CA GLN A 153 18.87 -24.46 -4.66
C GLN A 153 18.71 -25.95 -4.48
N SER A 154 18.51 -26.70 -5.55
CA SER A 154 18.27 -28.12 -5.37
C SER A 154 19.57 -28.89 -5.15
N CYS A 155 19.43 -30.17 -4.77
CA CYS A 155 20.59 -31.04 -4.68
C CYS A 155 21.19 -31.32 -6.07
N ALA A 156 20.35 -31.36 -7.11
CA ALA A 156 20.83 -31.48 -8.48
C ALA A 156 21.52 -30.20 -8.96
N SER A 157 21.11 -29.05 -8.45
CA SER A 157 21.86 -27.85 -8.74
C SER A 157 23.21 -27.88 -8.05
N PHE A 158 23.24 -28.23 -6.76
CA PHE A 158 24.52 -28.49 -6.09
C PHE A 158 25.36 -29.45 -6.90
N SER A 159 24.78 -30.58 -7.33
CA SER A 159 25.62 -31.59 -7.98
C SER A 159 26.18 -31.07 -9.30
N SER A 160 25.38 -30.26 -10.02
CA SER A 160 25.87 -29.62 -11.23
C SER A 160 27.12 -28.79 -10.94
N TYR A 161 27.04 -27.93 -9.92
CA TYR A 161 28.16 -27.04 -9.62
C TYR A 161 29.38 -27.83 -9.13
N TYR A 162 29.15 -28.79 -8.22
CA TYR A 162 30.26 -29.61 -7.71
C TYR A 162 31.02 -30.29 -8.84
N HIS A 163 30.30 -30.94 -9.76
CA HIS A 163 30.97 -31.61 -10.85
C HIS A 163 31.57 -30.63 -11.86
N PHE A 164 30.94 -29.47 -12.07
CA PHE A 164 31.55 -28.47 -12.95
C PHE A 164 32.88 -27.99 -12.38
N PHE A 165 32.86 -27.48 -11.15
CA PHE A 165 34.06 -26.94 -10.54
C PHE A 165 35.20 -27.95 -10.53
N ASN A 166 34.92 -29.19 -10.16
CA ASN A 166 35.92 -30.22 -10.00
C ASN A 166 36.26 -30.91 -11.31
N ASP A 167 35.59 -30.54 -12.39
CA ASP A 167 35.94 -30.99 -13.74
C ASP A 167 35.83 -32.50 -13.82
N LEU A 168 34.68 -33.02 -13.39
CA LEU A 168 34.45 -34.45 -13.24
C LEU A 168 33.61 -35.03 -14.36
N VAL A 169 32.77 -34.22 -14.98
CA VAL A 169 31.91 -34.64 -16.06
C VAL A 169 32.03 -33.60 -17.17
N SER A 170 31.65 -33.97 -18.39
CA SER A 170 31.76 -33.07 -19.54
C SER A 170 30.55 -32.16 -19.67
N PHE A 171 30.81 -30.89 -19.94
CA PHE A 171 29.87 -29.79 -20.03
C PHE A 171 29.98 -29.09 -21.38
N PRO A 172 28.93 -28.37 -21.81
CA PRO A 172 29.06 -27.57 -23.02
C PRO A 172 30.28 -26.66 -22.94
N THR A 173 30.90 -26.46 -24.08
CA THR A 173 32.06 -25.60 -24.27
C THR A 173 31.81 -24.73 -25.49
N GLU A 174 32.59 -23.66 -25.63
CA GLU A 174 32.51 -22.90 -26.87
C GLU A 174 32.76 -23.80 -28.07
N SER A 175 33.53 -24.87 -27.90
CA SER A 175 33.73 -25.80 -29.00
C SER A 175 32.48 -26.61 -29.30
N ASN A 176 31.64 -26.88 -28.28
CA ASN A 176 30.47 -27.72 -28.48
C ASN A 176 29.34 -27.14 -27.61
N LEU A 177 28.67 -26.10 -28.12
CA LEU A 177 27.72 -25.38 -27.26
C LEU A 177 26.47 -26.19 -26.95
N LYS A 178 26.16 -27.23 -27.73
CA LYS A 178 24.92 -27.98 -27.54
C LYS A 178 25.10 -29.35 -26.85
N LYS A 179 26.23 -29.58 -26.17
CA LYS A 179 26.48 -30.90 -25.61
C LYS A 179 25.45 -31.27 -24.55
N ASP A 180 24.92 -32.49 -24.63
CA ASP A 180 24.23 -33.07 -23.48
C ASP A 180 25.18 -33.21 -22.28
N VAL A 181 24.60 -33.42 -21.09
CA VAL A 181 25.43 -33.61 -19.90
C VAL A 181 24.87 -34.75 -19.06
N CYS A 182 25.73 -35.72 -18.73
CA CYS A 182 25.33 -36.90 -17.96
C CYS A 182 25.98 -36.85 -16.59
N LEU A 183 25.23 -36.41 -15.61
CA LEU A 183 25.62 -36.37 -14.21
C LEU A 183 25.16 -37.64 -13.49
N PRO A 184 25.86 -38.08 -12.45
CA PRO A 184 25.45 -39.31 -11.76
C PRO A 184 24.15 -39.13 -10.99
N SER A 185 23.31 -40.16 -11.04
CA SER A 185 22.04 -40.23 -10.29
C SER A 185 21.10 -39.09 -10.65
N MET A 186 21.18 -38.61 -11.89
CA MET A 186 20.36 -37.56 -12.46
C MET A 186 19.90 -37.94 -13.86
N PRO A 187 18.75 -37.42 -14.33
CA PRO A 187 18.42 -37.58 -15.76
C PRO A 187 19.48 -36.86 -16.58
N MET A 188 19.66 -37.32 -17.81
CA MET A 188 20.47 -36.58 -18.78
C MET A 188 19.88 -35.20 -19.02
N LEU A 189 20.70 -34.17 -18.96
CA LEU A 189 20.23 -32.81 -19.17
C LEU A 189 20.68 -32.31 -20.54
N LYS A 190 19.82 -31.55 -21.20
CA LYS A 190 20.31 -30.95 -22.43
C LYS A 190 21.18 -29.75 -22.10
N TYR A 191 21.96 -29.29 -23.09
CA TYR A 191 22.84 -28.15 -22.90
C TYR A 191 22.17 -27.02 -22.14
N ASP A 192 20.88 -26.80 -22.41
CA ASP A 192 20.10 -25.73 -21.82
C ASP A 192 19.24 -26.18 -20.62
N GLU A 193 19.61 -27.29 -19.99
CA GLU A 193 18.97 -27.74 -18.75
C GLU A 193 19.91 -27.75 -17.55
N VAL A 194 21.19 -27.45 -17.74
CA VAL A 194 22.13 -27.32 -16.64
C VAL A 194 22.06 -25.88 -16.19
N PRO A 195 22.21 -25.57 -14.89
CA PRO A 195 22.12 -24.16 -14.44
C PRO A 195 22.86 -23.22 -15.37
N LEU A 196 22.15 -22.21 -15.88
CA LEU A 196 22.72 -21.38 -16.94
C LEU A 196 23.95 -20.61 -16.49
N LEU A 197 24.20 -20.48 -15.18
CA LEU A 197 25.43 -19.80 -14.80
C LEU A 197 26.68 -20.59 -15.21
N LEU A 198 26.54 -21.87 -15.55
CA LEU A 198 27.64 -22.70 -15.99
C LEU A 198 27.78 -22.72 -17.51
N TYR A 199 26.89 -22.03 -18.23
CA TYR A 199 26.93 -22.06 -19.68
C TYR A 199 28.12 -21.23 -20.18
N PRO A 200 28.80 -21.67 -21.24
CA PRO A 200 29.89 -20.86 -21.82
C PRO A 200 29.46 -19.44 -22.15
N ILE A 201 28.37 -19.30 -22.90
CA ILE A 201 27.85 -17.99 -23.33
C ILE A 201 27.16 -17.32 -22.14
N VAL A 202 27.91 -16.46 -21.44
CA VAL A 202 27.46 -15.82 -20.21
C VAL A 202 27.60 -14.32 -20.40
N PRO A 203 26.54 -13.53 -20.20
CA PRO A 203 26.67 -12.07 -20.30
C PRO A 203 27.66 -11.51 -19.30
N LEU A 204 27.94 -10.21 -19.45
CA LEU A 204 28.93 -9.56 -18.60
C LEU A 204 28.64 -9.68 -17.10
N PRO A 205 27.50 -9.21 -16.58
CA PRO A 205 27.30 -9.30 -15.13
C PRO A 205 27.13 -10.73 -14.63
N ILE A 206 26.58 -11.60 -15.47
CA ILE A 206 26.36 -12.99 -15.11
C ILE A 206 27.66 -13.73 -14.79
N ILE A 207 28.81 -13.16 -15.17
CA ILE A 207 30.09 -13.76 -14.78
C ILE A 207 30.33 -13.61 -13.28
N SER A 208 29.86 -12.51 -12.69
CA SER A 208 30.06 -12.29 -11.26
C SER A 208 29.49 -13.45 -10.45
N LEU A 209 28.21 -13.75 -10.64
CA LEU A 209 27.58 -14.83 -9.87
C LEU A 209 28.19 -16.18 -10.23
N LYS A 210 28.62 -16.35 -11.48
CA LYS A 210 29.30 -17.58 -11.89
C LYS A 210 30.48 -17.88 -10.99
N ASN A 211 31.35 -16.88 -10.79
CA ASN A 211 32.55 -17.11 -9.98
C ASN A 211 32.19 -17.35 -8.52
N ALA A 212 31.21 -16.61 -8.00
CA ALA A 212 30.80 -16.79 -6.60
C ALA A 212 30.36 -18.21 -6.34
N MET A 213 29.57 -18.78 -7.25
CA MET A 213 29.23 -20.19 -7.17
C MET A 213 30.49 -21.06 -7.22
N LEU A 214 31.39 -20.76 -8.16
CA LEU A 214 32.62 -21.56 -8.23
C LEU A 214 33.54 -21.26 -7.06
N ARG A 215 33.53 -20.03 -6.57
CA ARG A 215 34.28 -19.73 -5.36
C ARG A 215 33.70 -20.46 -4.16
N GLN A 216 32.37 -20.63 -4.13
CA GLN A 216 31.75 -21.43 -3.07
C GLN A 216 32.17 -22.89 -3.17
N GLN A 217 32.31 -23.41 -4.39
CA GLN A 217 32.75 -24.79 -4.54
C GLN A 217 34.18 -24.96 -4.05
N LYS A 218 35.01 -23.92 -4.22
CA LYS A 218 36.39 -23.96 -3.74
C LYS A 218 36.42 -24.07 -2.22
N ASN A 219 35.75 -23.14 -1.53
CA ASN A 219 35.76 -23.09 -0.07
C ASN A 219 34.96 -24.22 0.59
N LEU A 220 34.34 -25.12 -0.18
CA LEU A 220 33.67 -26.25 0.45
C LEU A 220 34.63 -27.01 1.35
N SER A 221 35.92 -27.01 1.01
CA SER A 221 36.93 -27.61 1.87
C SER A 221 36.86 -27.04 3.27
N LYS A 222 36.53 -25.77 3.40
CA LYS A 222 36.54 -25.09 4.68
C LYS A 222 35.23 -25.22 5.43
N THR A 223 34.34 -26.10 4.99
CA THR A 223 33.00 -26.24 5.56
C THR A 223 32.80 -27.66 6.06
N PHE A 224 32.20 -27.78 7.24
CA PHE A 224 31.92 -29.09 7.80
C PHE A 224 30.54 -29.62 7.44
N CYS A 225 29.59 -28.74 7.12
CA CYS A 225 28.26 -29.18 6.77
C CYS A 225 27.65 -28.35 5.65
N VAL A 226 27.05 -29.05 4.69
CA VAL A 226 26.27 -28.45 3.62
C VAL A 226 24.81 -28.81 3.84
N LEU A 227 23.99 -27.80 4.10
CA LEU A 227 22.55 -27.97 4.30
C LEU A 227 21.84 -27.57 3.02
N VAL A 228 20.78 -28.30 2.67
CA VAL A 228 20.03 -28.07 1.43
C VAL A 228 18.53 -28.13 1.75
N ASP A 229 17.78 -27.16 1.24
CA ASP A 229 16.32 -27.11 1.40
C ASP A 229 15.69 -28.08 0.39
N THR A 230 15.94 -29.37 0.61
CA THR A 230 15.26 -30.44 -0.11
C THR A 230 14.93 -31.52 0.89
N PHE A 231 14.11 -32.49 0.45
CA PHE A 231 13.78 -33.63 1.29
C PHE A 231 14.22 -34.92 0.60
N GLN A 232 14.57 -35.92 1.43
CA GLN A 232 15.25 -37.13 0.95
C GLN A 232 14.44 -37.84 -0.13
N GLN A 233 13.12 -37.90 0.02
CA GLN A 233 12.29 -38.59 -0.98
C GLN A 233 12.32 -37.87 -2.34
N LEU A 234 12.48 -36.56 -2.35
CA LEU A 234 12.45 -35.80 -3.61
C LEU A 234 13.69 -36.11 -4.48
N GLU A 235 14.87 -36.09 -3.88
CA GLU A 235 16.12 -36.35 -4.62
C GLU A 235 16.92 -37.52 -4.02
N ASP A 236 16.23 -38.62 -3.72
CA ASP A 236 16.77 -39.72 -2.92
C ASP A 236 18.10 -40.25 -3.46
N GLU A 237 18.11 -40.72 -4.72
CA GLU A 237 19.30 -41.40 -5.25
C GLU A 237 20.48 -40.45 -5.39
N LEU A 238 20.24 -39.19 -5.75
CA LEU A 238 21.35 -38.25 -5.83
C LEU A 238 21.95 -37.99 -4.44
N ILE A 239 21.11 -37.92 -3.42
CA ILE A 239 21.61 -37.57 -2.08
C ILE A 239 22.54 -38.68 -1.58
N HIS A 240 22.18 -39.94 -1.84
CA HIS A 240 23.03 -41.06 -1.44
C HIS A 240 24.34 -41.06 -2.22
N TYR A 241 24.28 -40.86 -3.54
CA TYR A 241 25.50 -40.76 -4.33
C TYR A 241 26.44 -39.72 -3.74
N LEU A 242 25.93 -38.52 -3.48
CA LEU A 242 26.76 -37.48 -2.87
C LEU A 242 27.14 -37.78 -1.43
N SER A 243 26.44 -38.68 -0.74
CA SER A 243 26.78 -38.94 0.66
C SER A 243 28.19 -39.52 0.82
N LYS A 244 28.75 -40.11 -0.24
CA LYS A 244 30.11 -40.63 -0.23
C LYS A 244 31.01 -39.86 -1.17
N LEU A 245 30.65 -38.64 -1.52
CA LEU A 245 31.46 -37.78 -2.37
C LEU A 245 31.54 -36.40 -1.74
N CYS A 246 30.38 -35.79 -1.56
CA CYS A 246 30.29 -34.46 -0.94
C CYS A 246 28.99 -34.41 -0.17
N PRO A 247 28.96 -35.05 1.01
CA PRO A 247 27.68 -35.29 1.69
C PRO A 247 26.85 -34.02 1.86
N ILE A 248 25.54 -34.21 1.74
CA ILE A 248 24.50 -33.19 1.80
C ILE A 248 23.63 -33.52 3.00
N ARG A 249 22.98 -32.49 3.57
CA ARG A 249 22.00 -32.67 4.64
C ARG A 249 20.67 -32.05 4.23
N PRO A 250 19.76 -32.83 3.65
CA PRO A 250 18.42 -32.31 3.35
C PRO A 250 17.65 -31.98 4.61
N ILE A 251 17.17 -30.74 4.72
CA ILE A 251 16.45 -30.31 5.93
C ILE A 251 15.15 -29.60 5.56
N GLY A 252 14.71 -29.75 4.30
CA GLY A 252 13.53 -29.09 3.81
C GLY A 252 12.29 -29.94 3.82
N PRO A 253 11.15 -29.36 3.42
CA PRO A 253 10.99 -27.96 3.00
C PRO A 253 11.10 -27.01 4.19
N LEU A 254 12.00 -26.03 4.07
CA LEU A 254 12.27 -25.13 5.17
C LEU A 254 11.03 -24.35 5.59
N PHE A 255 10.22 -23.92 4.62
CA PHE A 255 9.06 -23.10 4.96
C PHE A 255 8.05 -23.88 5.80
N LYS A 256 8.05 -25.20 5.69
CA LYS A 256 7.19 -25.98 6.56
C LYS A 256 7.89 -26.24 7.90
N ILE A 257 9.17 -26.60 7.89
CA ILE A 257 9.89 -26.93 9.12
C ILE A 257 9.99 -25.74 10.06
N SER A 258 9.88 -24.52 9.54
CA SER A 258 10.19 -23.33 10.32
C SER A 258 8.93 -22.74 10.93
N ASP A 274 -6.85 -9.00 0.25
CA ASP A 274 -7.82 -9.28 -0.80
C ASP A 274 -7.62 -10.67 -1.40
N CYS A 275 -6.38 -11.17 -1.34
CA CYS A 275 -6.02 -12.41 -2.02
C CYS A 275 -6.86 -13.60 -1.55
N ILE A 276 -6.88 -13.85 -0.24
CA ILE A 276 -7.46 -15.10 0.25
C ILE A 276 -8.98 -15.09 0.11
N GLU A 277 -9.62 -13.97 0.49
CA GLU A 277 -11.07 -13.90 0.42
C GLU A 277 -11.56 -14.07 -1.02
N TRP A 278 -10.95 -13.32 -1.95
CA TRP A 278 -11.20 -13.53 -3.37
C TRP A 278 -11.04 -15.01 -3.74
N LEU A 279 -9.93 -15.62 -3.31
CA LEU A 279 -9.75 -17.05 -3.57
C LEU A 279 -10.79 -17.86 -2.82
N ASP A 280 -11.12 -17.47 -1.59
CA ASP A 280 -12.18 -18.15 -0.85
C ASP A 280 -13.52 -18.13 -1.57
N SER A 281 -13.70 -17.26 -2.57
CA SER A 281 -14.96 -17.21 -3.29
C SER A 281 -14.94 -17.97 -4.60
N LYS A 282 -13.85 -18.69 -4.92
CA LYS A 282 -13.83 -19.53 -6.10
C LYS A 282 -14.03 -20.99 -5.70
N SER A 283 -14.43 -21.80 -6.69
CA SER A 283 -14.59 -23.24 -6.57
C SER A 283 -13.23 -23.94 -6.57
N PRO A 284 -13.10 -25.07 -5.86
CA PRO A 284 -11.78 -25.70 -5.72
C PRO A 284 -11.17 -26.11 -7.06
N SER A 285 -9.85 -26.01 -7.14
CA SER A 285 -9.09 -26.47 -8.29
C SER A 285 -9.60 -25.77 -9.55
N SER A 286 -9.67 -24.45 -9.48
CA SER A 286 -10.20 -23.66 -10.59
C SER A 286 -9.41 -22.41 -10.94
N VAL A 287 -8.48 -21.94 -10.10
CA VAL A 287 -7.75 -20.71 -10.37
C VAL A 287 -6.37 -21.02 -10.94
N VAL A 288 -6.02 -20.37 -12.05
CA VAL A 288 -4.64 -20.35 -12.53
C VAL A 288 -3.88 -19.26 -11.78
N TYR A 289 -2.93 -19.66 -10.94
CA TYR A 289 -2.06 -18.73 -10.23
C TYR A 289 -0.77 -18.52 -11.02
N ILE A 290 -0.36 -17.27 -11.18
CA ILE A 290 0.76 -16.92 -12.06
C ILE A 290 1.68 -15.98 -11.29
N SER A 291 2.96 -16.33 -11.22
CA SER A 291 3.89 -15.46 -10.52
C SER A 291 5.30 -15.88 -10.86
N PHE A 292 6.17 -14.88 -11.10
CA PHE A 292 7.54 -15.12 -11.57
C PHE A 292 8.58 -14.52 -10.62
N GLY A 293 8.24 -14.45 -9.31
CA GLY A 293 9.19 -14.02 -8.30
C GLY A 293 9.53 -12.54 -8.31
N SER A 294 10.55 -12.22 -7.51
CA SER A 294 10.91 -10.83 -7.24
C SER A 294 11.98 -10.27 -8.15
N ILE A 295 12.43 -11.02 -9.16
CA ILE A 295 13.48 -10.58 -10.07
C ILE A 295 13.01 -10.61 -11.52
N VAL A 296 12.46 -11.74 -11.96
CA VAL A 296 12.08 -11.90 -13.36
C VAL A 296 11.12 -10.78 -13.74
N HIS A 297 11.47 -10.05 -14.81
CA HIS A 297 10.62 -9.04 -15.40
C HIS A 297 10.53 -9.43 -16.87
N LEU A 298 9.39 -10.01 -17.26
CA LEU A 298 9.27 -10.49 -18.62
C LEU A 298 9.26 -9.34 -19.62
N LYS A 299 9.38 -9.69 -20.88
CA LYS A 299 9.24 -8.71 -21.94
C LYS A 299 7.76 -8.39 -22.16
N GLN A 300 7.48 -7.13 -22.53
CA GLN A 300 6.09 -6.70 -22.77
C GLN A 300 5.38 -7.65 -23.72
N GLU A 301 6.05 -7.97 -24.83
CA GLU A 301 5.49 -8.90 -25.81
C GLU A 301 5.09 -10.23 -25.17
N GLN A 302 5.95 -10.76 -24.28
CA GLN A 302 5.60 -12.01 -23.59
C GLN A 302 4.38 -11.81 -22.68
N ILE A 303 4.33 -10.70 -21.93
CA ILE A 303 3.20 -10.39 -21.05
C ILE A 303 1.91 -10.33 -21.86
N THR A 304 1.97 -9.77 -23.07
CA THR A 304 0.77 -9.61 -23.87
C THR A 304 0.20 -10.95 -24.30
N GLU A 305 1.08 -11.91 -24.60
CA GLU A 305 0.61 -13.22 -25.03
C GLU A 305 -0.02 -14.01 -23.89
N ILE A 306 0.41 -13.75 -22.67
CA ILE A 306 -0.20 -14.39 -21.49
C ILE A 306 -1.60 -13.85 -21.26
N ALA A 307 -1.78 -12.52 -21.37
CA ALA A 307 -3.07 -11.89 -21.11
C ALA A 307 -4.11 -12.33 -22.12
N TYR A 308 -3.77 -12.29 -23.41
CA TYR A 308 -4.67 -12.79 -24.43
C TYR A 308 -4.98 -14.26 -24.21
N ALA A 309 -3.97 -15.04 -23.80
CA ALA A 309 -4.18 -16.45 -23.49
C ALA A 309 -5.23 -16.64 -22.42
N LEU A 310 -5.12 -15.86 -21.33
CA LEU A 310 -6.05 -15.94 -20.21
C LEU A 310 -7.42 -15.41 -20.59
N MET A 311 -7.46 -14.33 -21.36
CA MET A 311 -8.74 -13.86 -21.86
C MET A 311 -9.41 -14.92 -22.72
N ASN A 312 -8.63 -15.58 -23.59
CA ASN A 312 -9.20 -16.46 -24.61
C ASN A 312 -9.93 -17.64 -23.96
N ILE A 313 -9.22 -18.46 -23.17
CA ILE A 313 -9.82 -19.67 -22.64
C ILE A 313 -10.76 -19.40 -21.47
N ASN A 314 -10.83 -18.15 -20.99
CA ASN A 314 -11.87 -17.77 -20.03
C ASN A 314 -11.72 -18.53 -18.73
N ILE A 315 -10.49 -18.68 -18.27
CA ILE A 315 -10.22 -19.38 -17.03
C ILE A 315 -9.98 -18.35 -15.94
N SER A 316 -10.32 -18.73 -14.70
CA SER A 316 -10.08 -17.88 -13.53
C SER A 316 -8.59 -17.80 -13.24
N PHE A 317 -8.10 -16.61 -12.86
CA PHE A 317 -6.67 -16.52 -12.60
C PHE A 317 -6.36 -15.46 -11.56
N LEU A 318 -5.28 -15.70 -10.82
CA LEU A 318 -4.61 -14.70 -9.98
C LEU A 318 -3.19 -14.52 -10.52
N TRP A 319 -2.84 -13.28 -10.88
CA TRP A 319 -1.61 -13.00 -11.60
C TRP A 319 -0.81 -11.95 -10.87
N VAL A 320 0.37 -12.30 -10.39
CA VAL A 320 1.25 -11.31 -9.77
C VAL A 320 2.03 -10.63 -10.88
N MET A 321 1.89 -9.31 -10.97
CA MET A 321 2.64 -8.49 -11.93
C MET A 321 3.47 -7.50 -11.11
N LYS A 322 4.72 -7.86 -10.89
CA LYS A 322 5.63 -7.10 -10.03
C LYS A 322 5.92 -5.73 -10.63
N PRO A 323 5.56 -4.64 -9.95
CA PRO A 323 6.00 -3.31 -10.38
C PRO A 323 7.52 -3.21 -10.33
N PRO A 324 8.12 -2.50 -11.28
CA PRO A 324 9.59 -2.42 -11.31
C PRO A 324 10.19 -1.53 -10.22
N GLN A 325 11.52 -1.46 -10.17
CA GLN A 325 12.20 -0.49 -9.33
C GLN A 325 12.00 0.91 -9.91
N LYS A 326 11.73 1.88 -9.04
CA LYS A 326 11.39 3.23 -9.48
C LYS A 326 12.53 3.92 -10.20
N ASP A 327 13.70 3.30 -10.29
CA ASP A 327 14.82 3.77 -11.11
C ASP A 327 14.77 3.20 -12.52
N SER A 328 13.57 3.05 -13.07
CA SER A 328 13.31 2.48 -14.40
C SER A 328 14.05 1.17 -14.63
N TYR A 329 15.13 1.20 -15.42
CA TYR A 329 15.92 0.02 -15.77
C TYR A 329 15.10 -0.89 -16.69
N ASP A 330 13.95 -1.34 -16.20
CA ASP A 330 12.90 -1.87 -17.06
C ASP A 330 11.56 -1.44 -16.49
N LYS A 331 10.60 -1.19 -17.37
CA LYS A 331 9.43 -0.38 -17.05
C LYS A 331 8.19 -1.24 -16.79
N GLN A 332 7.18 -0.60 -16.20
CA GLN A 332 5.93 -1.28 -15.86
C GLN A 332 5.26 -1.85 -17.10
N HIS A 333 4.73 -3.06 -16.97
CA HIS A 333 3.97 -3.67 -18.05
C HIS A 333 2.59 -3.05 -18.18
N VAL A 334 2.00 -3.20 -19.36
CA VAL A 334 0.62 -2.82 -19.58
C VAL A 334 -0.13 -4.04 -20.14
N LEU A 335 -1.40 -4.06 -19.89
CA LEU A 335 -2.31 -5.12 -20.31
C LEU A 335 -3.02 -4.69 -21.58
N PRO A 336 -3.66 -5.62 -22.29
CA PRO A 336 -4.56 -5.21 -23.38
C PRO A 336 -5.65 -4.29 -22.83
N GLN A 337 -6.16 -3.39 -23.69
CA GLN A 337 -7.22 -2.50 -23.22
C GLN A 337 -8.47 -3.28 -22.86
N GLY A 338 -9.12 -2.88 -21.77
CA GLY A 338 -10.34 -3.54 -21.36
C GLY A 338 -10.11 -4.95 -20.89
N PHE A 339 -8.85 -5.37 -20.80
CA PHE A 339 -8.48 -6.67 -20.24
C PHE A 339 -9.24 -6.92 -18.96
N LEU A 340 -8.96 -6.14 -17.91
CA LEU A 340 -9.57 -6.41 -16.60
C LEU A 340 -11.10 -6.43 -16.70
N GLU A 341 -11.70 -5.60 -17.56
CA GLU A 341 -13.16 -5.55 -17.64
C GLU A 341 -13.76 -6.59 -18.58
N LYS A 342 -13.01 -7.08 -19.58
CA LYS A 342 -13.48 -8.25 -20.32
C LYS A 342 -13.46 -9.50 -19.44
N VAL A 343 -12.47 -9.60 -18.56
CA VAL A 343 -12.28 -10.82 -17.79
C VAL A 343 -13.15 -10.83 -16.54
N GLY A 344 -13.29 -9.68 -15.87
CA GLY A 344 -14.23 -9.57 -14.77
C GLY A 344 -13.82 -10.28 -13.49
N GLU A 345 -14.81 -10.85 -12.81
CA GLU A 345 -14.53 -11.55 -11.56
C GLU A 345 -13.60 -12.73 -11.74
N LYS A 346 -13.42 -13.22 -12.96
CA LYS A 346 -12.60 -14.40 -13.15
C LYS A 346 -11.13 -14.13 -12.92
N GLY A 347 -10.68 -12.90 -13.20
CA GLY A 347 -9.28 -12.57 -13.15
C GLY A 347 -8.99 -11.48 -12.14
N LYS A 348 -7.76 -11.50 -11.62
CA LYS A 348 -7.36 -10.56 -10.58
C LYS A 348 -5.87 -10.37 -10.68
N VAL A 349 -5.43 -9.13 -10.77
CA VAL A 349 -4.02 -8.78 -10.85
C VAL A 349 -3.65 -8.09 -9.56
N VAL A 350 -2.55 -8.53 -8.96
CA VAL A 350 -2.02 -7.95 -7.74
C VAL A 350 -0.55 -7.61 -7.98
N LYS A 351 -0.01 -6.76 -7.11
CA LYS A 351 1.41 -6.40 -7.20
C LYS A 351 2.31 -7.39 -6.47
N TRP A 352 1.81 -8.01 -5.42
CA TRP A 352 2.56 -8.99 -4.64
C TRP A 352 1.57 -9.91 -3.94
N SER A 353 2.03 -11.10 -3.56
CA SER A 353 1.09 -12.09 -3.07
C SER A 353 1.64 -12.81 -1.84
N PRO A 354 0.76 -13.19 -0.91
CA PRO A 354 1.15 -14.11 0.17
C PRO A 354 1.29 -15.50 -0.41
N GLN A 355 2.42 -15.76 -1.10
CA GLN A 355 2.49 -16.93 -1.96
C GLN A 355 2.40 -18.23 -1.17
N GLU A 356 2.91 -18.23 0.06
CA GLU A 356 2.71 -19.39 0.93
C GLU A 356 1.24 -19.63 1.21
N GLN A 357 0.51 -18.57 1.56
CA GLN A 357 -0.93 -18.71 1.78
C GLN A 357 -1.67 -19.06 0.50
N VAL A 358 -1.26 -18.47 -0.64
CA VAL A 358 -1.96 -18.74 -1.88
C VAL A 358 -1.81 -20.20 -2.29
N LEU A 359 -0.61 -20.76 -2.16
CA LEU A 359 -0.35 -22.05 -2.78
C LEU A 359 -0.94 -23.22 -1.99
N SER A 360 -1.18 -23.04 -0.70
CA SER A 360 -1.96 -23.96 0.09
C SER A 360 -3.46 -23.85 -0.16
N HIS A 361 -3.91 -23.01 -1.09
CA HIS A 361 -5.33 -22.74 -1.23
C HIS A 361 -6.00 -23.73 -2.19
N GLN A 362 -7.03 -24.41 -1.70
CA GLN A 362 -7.74 -25.46 -2.44
C GLN A 362 -8.33 -24.96 -3.74
N SER A 363 -8.47 -23.65 -3.89
CA SER A 363 -9.08 -23.07 -5.07
C SER A 363 -8.10 -22.99 -6.25
N LEU A 364 -6.81 -23.23 -6.04
CA LEU A 364 -5.83 -23.16 -7.12
C LEU A 364 -5.94 -24.36 -8.04
N ALA A 365 -5.80 -24.12 -9.34
CA ALA A 365 -5.75 -25.23 -10.27
C ALA A 365 -4.34 -25.56 -10.75
N CYS A 366 -3.47 -24.56 -10.83
CA CYS A 366 -2.11 -24.75 -11.32
C CYS A 366 -1.35 -23.48 -11.00
N PHE A 367 -0.06 -23.49 -11.32
CA PHE A 367 0.89 -22.45 -10.90
C PHE A 367 1.81 -22.22 -12.10
N VAL A 368 1.55 -21.16 -12.86
CA VAL A 368 2.53 -20.75 -13.87
C VAL A 368 3.69 -20.15 -13.10
N THR A 369 4.87 -20.78 -13.16
CA THR A 369 5.97 -20.44 -12.29
C THR A 369 7.24 -20.25 -13.12
N HIS A 370 8.11 -19.37 -12.64
CA HIS A 370 9.44 -19.30 -13.25
C HIS A 370 10.38 -20.37 -12.73
N CYS A 371 9.90 -21.23 -11.82
CA CYS A 371 10.64 -22.39 -11.35
C CYS A 371 11.89 -22.01 -10.57
N GLY A 372 11.85 -20.89 -9.85
CA GLY A 372 12.82 -20.71 -8.79
C GLY A 372 12.72 -21.84 -7.79
N TRP A 373 13.81 -22.12 -7.08
CA TRP A 373 13.77 -23.28 -6.19
C TRP A 373 12.85 -23.04 -5.00
N ASN A 374 12.75 -21.81 -4.51
CA ASN A 374 11.90 -21.61 -3.34
C ASN A 374 10.43 -21.80 -3.72
N SER A 375 10.06 -21.35 -4.94
CA SER A 375 8.70 -21.54 -5.48
C SER A 375 8.46 -22.97 -5.90
N SER A 376 9.50 -23.67 -6.36
CA SER A 376 9.34 -25.05 -6.78
C SER A 376 9.03 -25.94 -5.58
N MET A 377 9.74 -25.69 -4.48
CA MET A 377 9.54 -26.43 -3.24
C MET A 377 8.18 -26.12 -2.63
N GLU A 378 7.79 -24.85 -2.64
CA GLU A 378 6.45 -24.47 -2.19
C GLU A 378 5.36 -25.19 -2.97
N ALA A 379 5.53 -25.31 -4.29
CA ALA A 379 4.52 -25.99 -5.11
C ALA A 379 4.48 -27.47 -4.80
N LEU A 380 5.66 -28.07 -4.68
CA LEU A 380 5.80 -29.50 -4.43
C LEU A 380 5.17 -29.90 -3.10
N ALA A 381 5.55 -29.20 -2.04
CA ALA A 381 5.04 -29.48 -0.70
C ALA A 381 3.60 -29.04 -0.50
N ASN A 382 3.01 -28.29 -1.44
CA ASN A 382 1.59 -27.99 -1.37
C ASN A 382 0.74 -28.82 -2.34
N GLY A 383 1.33 -29.69 -3.14
CA GLY A 383 0.52 -30.48 -4.06
C GLY A 383 -0.01 -29.76 -5.30
N ILE A 384 0.71 -28.77 -5.82
CA ILE A 384 0.20 -27.94 -6.91
C ILE A 384 0.84 -28.34 -8.22
N ARG A 385 0.03 -28.55 -9.24
CA ARG A 385 0.53 -28.75 -10.60
C ARG A 385 1.17 -27.47 -11.17
N VAL A 386 2.16 -27.61 -12.05
CA VAL A 386 2.86 -26.43 -12.51
C VAL A 386 2.81 -26.31 -14.03
N VAL A 387 2.97 -25.07 -14.48
CA VAL A 387 3.23 -24.70 -15.87
C VAL A 387 4.57 -23.97 -15.83
N THR A 388 5.59 -24.53 -16.49
CA THR A 388 6.95 -24.02 -16.31
C THR A 388 7.30 -23.01 -17.40
N LEU A 389 7.71 -21.81 -16.97
CA LEU A 389 8.34 -20.80 -17.81
C LEU A 389 9.63 -20.38 -17.13
N PRO A 390 10.66 -21.23 -17.14
CA PRO A 390 11.92 -20.84 -16.52
C PRO A 390 12.58 -19.75 -17.33
N GLN A 391 13.40 -18.94 -16.66
CA GLN A 391 14.10 -17.85 -17.33
C GLN A 391 15.60 -18.09 -17.30
N TRP A 392 16.28 -17.96 -16.16
CA TRP A 392 17.73 -18.12 -16.17
C TRP A 392 18.19 -18.93 -14.97
N GLY A 393 19.51 -18.98 -14.79
CA GLY A 393 20.09 -19.70 -13.67
C GLY A 393 19.60 -21.12 -13.60
N ASP A 394 19.35 -21.57 -12.38
CA ASP A 394 18.91 -22.94 -12.14
C ASP A 394 17.42 -23.17 -12.45
N GLN A 395 16.72 -22.19 -13.01
CA GLN A 395 15.30 -22.36 -13.30
C GLN A 395 15.09 -23.40 -14.38
N VAL A 396 15.96 -23.42 -15.39
CA VAL A 396 15.87 -24.42 -16.44
C VAL A 396 16.02 -25.83 -15.88
N THR A 397 16.93 -26.00 -14.91
CA THR A 397 17.07 -27.33 -14.31
C THR A 397 15.82 -27.67 -13.52
N ASN A 398 15.37 -26.76 -12.67
CA ASN A 398 14.20 -27.05 -11.84
C ASN A 398 12.96 -27.35 -12.70
N ALA A 399 12.85 -26.67 -13.86
CA ALA A 399 11.70 -26.93 -14.74
C ALA A 399 11.83 -28.27 -15.43
N LYS A 400 13.05 -28.69 -15.74
CA LYS A 400 13.28 -30.03 -16.24
C LYS A 400 12.79 -31.07 -15.23
N PHE A 401 13.15 -30.90 -13.98
CA PHE A 401 12.77 -31.86 -12.94
C PHE A 401 11.26 -31.85 -12.68
N LEU A 402 10.65 -30.68 -12.51
CA LEU A 402 9.22 -30.63 -12.24
C LEU A 402 8.43 -31.34 -13.32
N VAL A 403 8.84 -31.20 -14.58
CA VAL A 403 8.03 -31.76 -15.66
C VAL A 403 8.41 -33.21 -15.93
N ASP A 404 9.69 -33.50 -16.03
CA ASP A 404 10.12 -34.80 -16.51
C ASP A 404 10.46 -35.79 -15.40
N VAL A 405 10.83 -35.32 -14.22
CA VAL A 405 11.16 -36.18 -13.08
C VAL A 405 10.04 -36.21 -12.06
N PHE A 406 9.67 -35.06 -11.51
CA PHE A 406 8.69 -35.05 -10.44
C PHE A 406 7.28 -35.32 -10.95
N GLY A 407 7.05 -35.10 -12.25
CA GLY A 407 5.77 -35.38 -12.89
C GLY A 407 4.64 -34.48 -12.49
N VAL A 408 4.91 -33.24 -12.09
CA VAL A 408 3.88 -32.41 -11.50
C VAL A 408 3.41 -31.30 -12.44
N GLY A 409 3.86 -31.28 -13.69
CA GLY A 409 3.41 -30.20 -14.55
C GLY A 409 3.75 -30.34 -16.02
N VAL A 410 3.58 -29.22 -16.74
CA VAL A 410 3.77 -29.10 -18.18
C VAL A 410 4.83 -28.07 -18.46
N ARG A 411 5.65 -28.33 -19.49
CA ARG A 411 6.65 -27.36 -19.89
C ARG A 411 6.04 -26.30 -20.80
N LEU A 412 6.21 -25.02 -20.44
CA LEU A 412 5.81 -23.91 -21.31
C LEU A 412 6.99 -23.28 -22.08
N SER A 413 8.16 -23.13 -21.47
CA SER A 413 9.29 -22.55 -22.18
C SER A 413 10.57 -23.23 -21.73
N ARG A 414 11.68 -22.83 -22.37
CA ARG A 414 13.00 -23.39 -22.10
C ARG A 414 13.99 -22.35 -21.61
N GLY A 415 13.57 -21.12 -21.39
CA GLY A 415 14.44 -20.13 -20.78
C GLY A 415 15.23 -19.33 -21.79
N ASP A 416 16.30 -18.71 -21.29
CA ASP A 416 16.92 -17.59 -22.02
C ASP A 416 17.66 -18.05 -23.27
N LEU A 417 18.33 -19.21 -23.22
CA LEU A 417 18.99 -19.73 -24.42
C LEU A 417 18.02 -20.03 -25.54
N GLU A 418 16.71 -20.09 -25.26
CA GLU A 418 15.72 -20.37 -26.29
C GLU A 418 15.30 -19.09 -26.99
N ASP A 419 15.13 -18.00 -26.25
CA ASP A 419 15.06 -16.68 -26.84
C ASP A 419 13.83 -16.59 -27.77
N ARG A 420 12.69 -17.00 -27.24
CA ARG A 420 11.50 -17.15 -28.05
C ARG A 420 10.29 -16.68 -27.25
N ILE A 421 9.53 -15.75 -27.82
CA ILE A 421 8.24 -15.38 -27.22
C ILE A 421 7.33 -16.59 -27.36
N ILE A 422 6.89 -17.12 -26.22
CA ILE A 422 5.92 -18.22 -26.21
C ILE A 422 4.58 -17.61 -26.64
N PRO A 423 3.99 -18.05 -27.74
CA PRO A 423 2.74 -17.42 -28.19
C PRO A 423 1.55 -17.92 -27.39
N ARG A 424 0.45 -17.15 -27.49
CA ARG A 424 -0.73 -17.38 -26.68
C ARG A 424 -1.33 -18.76 -26.91
N GLU A 425 -1.20 -19.31 -28.11
CA GLU A 425 -1.86 -20.58 -28.40
C GLU A 425 -1.20 -21.73 -27.64
N GLU A 426 0.14 -21.78 -27.58
CA GLU A 426 0.70 -22.84 -26.75
C GLU A 426 0.48 -22.57 -25.27
N ILE A 427 0.39 -21.30 -24.86
CA ILE A 427 0.05 -20.98 -23.47
C ILE A 427 -1.32 -21.54 -23.12
N GLU A 428 -2.33 -21.23 -23.94
CA GLU A 428 -3.65 -21.83 -23.79
C GLU A 428 -3.56 -23.36 -23.81
N LEU A 429 -2.67 -23.90 -24.66
CA LEU A 429 -2.52 -25.35 -24.78
C LEU A 429 -2.03 -25.98 -23.48
N ARG A 430 -0.98 -25.43 -22.87
CA ARG A 430 -0.49 -26.03 -21.62
C ARG A 430 -1.46 -25.81 -20.47
N LEU A 431 -2.25 -24.73 -20.51
CA LEU A 431 -3.23 -24.54 -19.43
C LEU A 431 -4.33 -25.58 -19.49
N LEU A 432 -4.64 -26.08 -20.68
CA LEU A 432 -5.65 -27.11 -20.78
C LEU A 432 -5.07 -28.49 -20.51
N GLU A 433 -3.82 -28.72 -20.88
CA GLU A 433 -3.17 -29.98 -20.53
C GLU A 433 -3.11 -30.15 -19.02
N VAL A 434 -2.70 -29.11 -18.30
CA VAL A 434 -2.48 -29.25 -16.88
C VAL A 434 -3.77 -29.26 -16.06
N THR A 435 -4.86 -28.67 -16.59
CA THR A 435 -6.17 -28.62 -15.92
C THR A 435 -7.14 -29.68 -16.41
N SER A 436 -7.26 -29.87 -17.73
CA SER A 436 -8.26 -30.81 -18.22
C SER A 436 -7.75 -31.73 -19.31
N GLY A 437 -6.45 -31.78 -19.55
CA GLY A 437 -5.92 -32.65 -20.57
C GLY A 437 -6.06 -34.11 -20.15
N GLU A 438 -5.33 -34.97 -20.86
CA GLU A 438 -5.44 -36.40 -20.59
C GLU A 438 -4.76 -36.78 -19.28
N LYS A 439 -3.56 -36.27 -19.01
CA LYS A 439 -2.83 -36.61 -17.79
C LYS A 439 -3.02 -35.59 -16.68
N ALA A 440 -4.09 -34.78 -16.75
CA ALA A 440 -4.31 -33.77 -15.71
C ALA A 440 -4.46 -34.40 -14.33
N THR A 441 -5.30 -35.44 -14.19
CA THR A 441 -5.53 -35.98 -12.86
C THR A 441 -4.31 -36.75 -12.37
N GLU A 442 -3.66 -37.49 -13.27
CA GLU A 442 -2.38 -38.12 -12.98
C GLU A 442 -1.36 -37.14 -12.42
N MET A 443 -1.17 -36.00 -13.10
CA MET A 443 -0.25 -34.98 -12.61
C MET A 443 -0.71 -34.43 -11.27
N LYS A 444 -2.02 -34.32 -11.08
CA LYS A 444 -2.55 -33.96 -9.76
C LYS A 444 -2.16 -35.00 -8.70
N HIS A 445 -2.36 -36.28 -9.01
CA HIS A 445 -2.05 -37.32 -8.03
C HIS A 445 -0.59 -37.23 -7.62
N ASN A 446 0.31 -37.23 -8.62
CA ASN A 446 1.74 -37.02 -8.43
C ASN A 446 2.04 -35.90 -7.47
N ALA A 447 1.42 -34.73 -7.71
CA ALA A 447 1.63 -33.61 -6.81
C ALA A 447 1.17 -33.94 -5.40
N LEU A 448 0.00 -34.57 -5.25
CA LEU A 448 -0.47 -34.87 -3.89
C LEU A 448 0.55 -35.73 -3.16
N ARG A 449 1.06 -36.77 -3.83
CA ARG A 449 2.02 -37.67 -3.20
C ARG A 449 3.30 -36.93 -2.79
N TRP A 450 3.73 -35.91 -3.56
CA TRP A 450 4.91 -35.14 -3.15
C TRP A 450 4.60 -34.22 -1.99
N LYS A 451 3.37 -33.73 -1.89
CA LYS A 451 2.94 -33.03 -0.67
C LYS A 451 2.86 -34.00 0.50
N LYS A 452 2.38 -35.21 0.26
CA LYS A 452 2.45 -36.24 1.31
C LYS A 452 3.89 -36.50 1.74
N ALA A 453 4.78 -36.73 0.78
CA ALA A 453 6.18 -37.03 1.13
C ALA A 453 6.89 -35.82 1.75
N ALA A 454 6.57 -34.60 1.31
CA ALA A 454 7.17 -33.43 1.94
C ALA A 454 6.75 -33.31 3.39
N GLU A 455 5.50 -33.66 3.69
CA GLU A 455 5.00 -33.52 5.06
C GLU A 455 5.52 -34.61 5.97
N GLU A 456 5.77 -35.81 5.45
CA GLU A 456 6.47 -36.82 6.24
C GLU A 456 7.83 -36.31 6.69
N ALA A 457 8.63 -35.79 5.75
CA ALA A 457 10.00 -35.38 6.03
C ALA A 457 10.07 -34.30 7.11
N VAL A 458 9.10 -33.39 7.16
CA VAL A 458 9.13 -32.32 8.16
C VAL A 458 8.49 -32.74 9.49
N ALA A 459 7.82 -33.87 9.53
CA ALA A 459 7.20 -34.28 10.78
C ALA A 459 8.31 -34.60 11.82
N LYS A 460 7.88 -34.77 13.09
CA LYS A 460 8.84 -34.72 14.20
C LYS A 460 9.94 -35.77 14.06
N ASP A 461 9.63 -36.91 13.45
CA ASP A 461 10.59 -37.99 13.30
C ASP A 461 11.07 -38.19 11.86
N GLY A 462 10.65 -37.33 10.93
CA GLY A 462 11.00 -37.51 9.53
C GLY A 462 12.45 -37.18 9.24
N SER A 463 12.91 -37.62 8.05
CA SER A 463 14.31 -37.47 7.67
C SER A 463 14.84 -36.05 7.89
N SER A 464 14.05 -35.04 7.48
CA SER A 464 14.55 -33.67 7.50
C SER A 464 14.62 -33.12 8.92
N SER A 465 13.61 -33.42 9.73
CA SER A 465 13.67 -33.06 11.15
C SER A 465 14.86 -33.74 11.82
N LYS A 466 15.10 -35.02 11.52
CA LYS A 466 16.26 -35.71 12.09
C LYS A 466 17.56 -35.06 11.64
N ASN A 467 17.73 -34.90 10.31
CA ASN A 467 18.90 -34.20 9.78
C ASN A 467 19.14 -32.90 10.54
N LEU A 468 18.11 -32.07 10.66
CA LEU A 468 18.28 -30.77 11.29
C LEU A 468 18.71 -30.91 12.74
N GLN A 469 18.16 -31.90 13.45
CA GLN A 469 18.53 -32.10 14.84
C GLN A 469 19.97 -32.58 14.97
N GLU A 470 20.39 -33.47 14.07
CA GLU A 470 21.78 -33.95 14.08
C GLU A 470 22.77 -32.84 13.75
N PHE A 471 22.33 -31.81 13.02
CA PHE A 471 23.15 -30.63 12.84
C PHE A 471 23.25 -29.86 14.15
N VAL A 472 22.12 -29.64 14.81
CA VAL A 472 22.14 -29.10 16.17
C VAL A 472 22.94 -30.02 17.09
N ASP A 473 22.85 -31.33 16.87
CA ASP A 473 23.64 -32.28 17.67
C ASP A 473 25.14 -32.10 17.44
N GLU A 474 25.53 -31.70 16.24
CA GLU A 474 26.94 -31.52 15.96
C GLU A 474 27.43 -30.14 16.39
N LEU A 475 26.54 -29.15 16.40
CA LEU A 475 26.95 -27.81 16.83
C LEU A 475 27.40 -27.83 18.27
N ASN A 476 26.61 -28.43 19.15
CA ASN A 476 26.96 -28.54 20.56
C ASN A 476 28.27 -29.29 20.74
N ASN A 477 28.32 -30.53 20.25
CA ASN A 477 29.45 -31.42 20.52
C ASN A 477 30.81 -30.78 20.23
N PHE A 478 30.91 -29.89 19.25
CA PHE A 478 32.21 -29.22 19.05
C PHE A 478 32.19 -27.80 19.64
N LEU B 15 -16.86 -4.27 14.04
CA LEU B 15 -16.55 -5.52 13.34
C LEU B 15 -16.48 -5.28 11.84
N HIS B 16 -17.62 -4.95 11.25
CA HIS B 16 -17.72 -4.60 9.84
C HIS B 16 -18.40 -3.23 9.76
N VAL B 17 -17.63 -2.21 9.36
CA VAL B 17 -18.13 -0.85 9.32
C VAL B 17 -18.56 -0.52 7.89
N PHE B 18 -19.73 0.08 7.76
CA PHE B 18 -20.29 0.51 6.49
C PHE B 18 -20.41 2.03 6.54
N LEU B 19 -19.67 2.71 5.68
CA LEU B 19 -19.63 4.16 5.68
C LEU B 19 -20.29 4.67 4.41
N VAL B 20 -21.30 5.53 4.55
CA VAL B 20 -22.08 6.01 3.43
C VAL B 20 -21.98 7.53 3.36
N SER B 21 -21.70 8.04 2.16
CA SER B 21 -21.43 9.45 1.94
C SER B 21 -22.20 9.96 0.74
N ALA B 22 -22.68 11.20 0.87
CA ALA B 22 -23.41 11.90 -0.18
C ALA B 22 -22.52 12.13 -1.40
N PRO B 23 -23.11 12.46 -2.54
CA PRO B 23 -22.27 12.87 -3.69
C PRO B 23 -21.51 14.14 -3.38
N GLY B 24 -20.28 14.22 -3.88
CA GLY B 24 -19.56 15.47 -3.73
C GLY B 24 -18.27 15.38 -2.94
N GLN B 25 -17.25 16.08 -3.43
CA GLN B 25 -15.91 15.96 -2.88
C GLN B 25 -15.86 16.38 -1.41
N GLY B 26 -16.66 17.36 -1.02
CA GLY B 26 -16.70 17.80 0.36
C GLY B 26 -17.40 16.86 1.31
N ASN B 27 -18.19 15.92 0.78
CA ASN B 27 -18.78 14.84 1.56
C ASN B 27 -17.96 13.55 1.47
N VAL B 28 -17.39 13.26 0.30
CA VAL B 28 -16.72 11.98 0.10
C VAL B 28 -15.33 11.99 0.72
N THR B 29 -14.58 13.07 0.53
CA THR B 29 -13.21 13.15 1.05
C THR B 29 -13.11 12.92 2.55
N PRO B 30 -13.98 13.47 3.42
CA PRO B 30 -13.82 13.22 4.85
C PRO B 30 -14.28 11.84 5.28
N MET B 31 -15.35 11.34 4.65
CA MET B 31 -15.81 9.98 4.94
C MET B 31 -14.78 8.96 4.51
N LEU B 32 -14.19 9.16 3.33
CA LEU B 32 -13.14 8.28 2.84
C LEU B 32 -11.87 8.43 3.67
N ARG B 33 -11.58 9.64 4.13
CA ARG B 33 -10.47 9.78 5.07
C ARG B 33 -10.77 9.05 6.37
N LEU B 34 -11.98 9.22 6.92
CA LEU B 34 -12.39 8.39 8.05
C LEU B 34 -12.35 6.91 7.70
N ALA B 35 -12.63 6.57 6.45
CA ALA B 35 -12.54 5.18 6.02
C ALA B 35 -11.11 4.67 6.14
N LYS B 36 -10.13 5.43 5.64
CA LYS B 36 -8.75 4.98 5.75
C LYS B 36 -8.33 4.80 7.21
N SER B 37 -8.75 5.71 8.11
CA SER B 37 -8.31 5.64 9.50
C SER B 37 -8.99 4.53 10.27
N LEU B 38 -10.16 4.07 9.83
CA LEU B 38 -10.83 2.98 10.52
C LEU B 38 -10.26 1.63 10.08
N ALA B 39 -9.98 1.48 8.79
CA ALA B 39 -9.29 0.28 8.34
C ALA B 39 -7.92 0.15 9.00
N SER B 40 -7.19 1.26 9.11
CA SER B 40 -5.84 1.22 9.68
C SER B 40 -5.83 0.62 11.07
N LYS B 41 -6.87 0.89 11.87
CA LYS B 41 -6.99 0.34 13.22
C LYS B 41 -7.57 -1.08 13.23
N GLY B 42 -7.51 -1.79 12.11
CA GLY B 42 -8.00 -3.15 12.05
C GLY B 42 -9.51 -3.26 12.02
N LEU B 43 -10.11 -2.90 10.89
CA LEU B 43 -11.55 -3.00 10.71
C LEU B 43 -11.86 -3.25 9.24
N LEU B 44 -12.92 -4.01 8.98
CA LEU B 44 -13.41 -4.20 7.63
C LEU B 44 -14.32 -3.03 7.29
N VAL B 45 -13.91 -2.21 6.34
CA VAL B 45 -14.61 -0.97 5.99
C VAL B 45 -15.29 -1.15 4.65
N THR B 46 -16.53 -0.67 4.55
CA THR B 46 -17.26 -0.57 3.30
C THR B 46 -17.60 0.89 3.06
N PHE B 47 -16.89 1.53 2.12
CA PHE B 47 -17.25 2.87 1.68
C PHE B 47 -18.44 2.80 0.74
N SER B 48 -19.24 3.86 0.75
CA SER B 48 -20.43 3.92 -0.09
C SER B 48 -20.71 5.35 -0.51
N THR B 49 -21.08 5.52 -1.78
CA THR B 49 -21.49 6.80 -2.35
C THR B 49 -22.34 6.48 -3.57
N PRO B 50 -23.24 7.38 -3.97
CA PRO B 50 -24.12 7.07 -5.12
C PRO B 50 -23.34 6.68 -6.36
N GLU B 51 -23.77 5.59 -6.99
CA GLU B 51 -23.12 5.10 -8.20
C GLU B 51 -23.07 6.18 -9.27
N SER B 52 -24.01 7.13 -9.24
CA SER B 52 -23.89 8.31 -10.09
C SER B 52 -22.57 9.03 -9.88
N TYR B 53 -22.15 9.18 -8.62
CA TYR B 53 -20.89 9.81 -8.29
C TYR B 53 -19.74 8.83 -8.15
N GLY B 54 -20.03 7.58 -7.73
CA GLY B 54 -18.99 6.57 -7.71
C GLY B 54 -18.43 6.27 -9.09
N LYS B 55 -19.26 6.42 -10.12
CA LYS B 55 -18.86 6.32 -11.51
C LYS B 55 -17.58 7.09 -11.81
N GLU B 56 -17.65 8.41 -11.68
CA GLU B 56 -16.52 9.26 -12.07
C GLU B 56 -15.39 9.26 -11.05
N MET B 57 -15.54 8.55 -9.93
CA MET B 57 -14.42 8.31 -9.03
C MET B 57 -13.49 7.24 -9.57
N ARG B 58 -14.05 6.10 -9.96
CA ARG B 58 -13.25 4.92 -10.28
C ARG B 58 -12.34 5.14 -11.49
N LYS B 59 -12.68 6.07 -12.37
CA LYS B 59 -11.79 6.32 -13.50
C LYS B 59 -10.54 7.06 -13.11
N THR B 60 -10.57 7.79 -12.00
CA THR B 60 -9.39 8.52 -11.54
C THR B 60 -8.42 7.59 -10.81
N ASN B 61 -8.94 6.82 -9.85
CA ASN B 61 -8.13 5.90 -9.07
C ASN B 61 -8.45 4.46 -9.46
N PRO B 68 -11.36 -4.54 -2.60
CA PRO B 68 -10.85 -4.64 -1.24
C PRO B 68 -9.35 -4.32 -1.10
N ILE B 69 -9.04 -3.03 -0.98
CA ILE B 69 -7.69 -2.58 -0.66
C ILE B 69 -7.36 -2.93 0.78
N LEU B 70 -6.08 -3.19 1.04
CA LEU B 70 -5.58 -3.44 2.39
C LEU B 70 -4.84 -2.22 2.90
N ILE B 71 -5.15 -1.80 4.13
CA ILE B 71 -4.47 -0.68 4.77
C ILE B 71 -4.07 -1.10 6.18
N GLY B 72 -2.78 -1.00 6.48
CA GLY B 72 -2.28 -1.36 7.80
C GLY B 72 -2.82 -2.68 8.31
N GLU B 73 -3.56 -2.65 9.42
CA GLU B 73 -4.13 -3.85 9.99
C GLU B 73 -5.55 -4.16 9.51
N GLY B 74 -5.99 -3.53 8.43
CA GLY B 74 -7.36 -3.69 7.96
C GLY B 74 -7.51 -3.53 6.45
N SER B 75 -8.71 -3.15 6.03
CA SER B 75 -9.07 -3.13 4.62
C SER B 75 -10.22 -2.16 4.39
N ILE B 76 -10.33 -1.70 3.14
CA ILE B 76 -11.40 -0.82 2.68
C ILE B 76 -12.01 -1.46 1.44
N ARG B 77 -13.35 -1.54 1.40
CA ARG B 77 -14.06 -2.24 0.34
C ARG B 77 -15.06 -1.28 -0.31
N PHE B 78 -14.84 -0.94 -1.57
CA PHE B 78 -15.69 0.03 -2.28
C PHE B 78 -16.97 -0.64 -2.75
N GLU B 79 -18.12 -0.22 -2.20
CA GLU B 79 -19.44 -0.75 -2.58
C GLU B 79 -20.34 0.46 -2.84
N PHE B 80 -20.36 0.91 -4.09
CA PHE B 80 -21.18 2.06 -4.45
C PHE B 80 -22.65 1.65 -4.50
N LEU B 81 -23.49 2.43 -3.81
CA LEU B 81 -24.92 2.15 -3.78
C LEU B 81 -25.57 2.50 -5.12
N ASP B 82 -26.51 1.66 -5.55
CA ASP B 82 -27.13 1.76 -6.86
C ASP B 82 -28.27 2.77 -6.80
N ASP B 83 -27.94 4.03 -7.08
CA ASP B 83 -28.90 5.01 -7.55
C ASP B 83 -28.71 5.04 -9.06
N GLU B 84 -29.51 4.25 -9.77
CA GLU B 84 -29.41 4.25 -11.22
C GLU B 84 -29.90 5.62 -11.69
N TRP B 85 -28.98 6.59 -11.62
CA TRP B 85 -29.24 7.99 -11.92
C TRP B 85 -28.27 8.45 -12.99
N ASP B 86 -28.53 8.02 -14.23
CA ASP B 86 -27.87 8.66 -15.35
C ASP B 86 -28.42 10.06 -15.56
N GLU B 87 -29.74 10.17 -15.62
CA GLU B 87 -30.42 11.43 -15.89
C GLU B 87 -31.32 11.86 -14.75
N ASP B 96 -32.73 18.71 -5.22
CA ASP B 96 -33.97 18.42 -4.53
C ASP B 96 -34.68 17.26 -5.22
N ALA B 97 -34.89 17.40 -6.53
CA ALA B 97 -35.41 16.27 -7.29
C ALA B 97 -34.53 15.05 -7.08
N TYR B 98 -33.22 15.23 -7.15
CA TYR B 98 -32.30 14.13 -6.90
C TYR B 98 -32.41 13.63 -5.46
N ALA B 99 -32.41 14.55 -4.50
CA ALA B 99 -32.42 14.18 -3.09
C ALA B 99 -33.57 13.22 -2.78
N THR B 100 -34.75 13.53 -3.30
CA THR B 100 -35.89 12.64 -3.12
C THR B 100 -35.65 11.29 -3.80
N HIS B 101 -35.07 11.31 -5.00
CA HIS B 101 -34.77 10.05 -5.69
C HIS B 101 -33.75 9.23 -4.91
N LEU B 102 -32.72 9.89 -4.39
CA LEU B 102 -31.71 9.19 -3.60
C LEU B 102 -32.31 8.51 -2.39
N GLU B 103 -33.13 9.25 -1.63
CA GLU B 103 -33.74 8.66 -0.44
C GLU B 103 -34.68 7.51 -0.80
N ARG B 104 -35.40 7.65 -1.92
CA ARG B 104 -36.31 6.59 -2.36
C ARG B 104 -35.52 5.35 -2.75
N VAL B 105 -34.70 5.45 -3.79
CA VAL B 105 -33.87 4.33 -4.21
C VAL B 105 -32.97 3.87 -3.07
N GLY B 106 -32.64 4.79 -2.15
CA GLY B 106 -31.72 4.47 -1.06
C GLY B 106 -32.36 3.70 0.07
N LYS B 107 -33.61 4.02 0.41
CA LYS B 107 -34.29 3.30 1.47
C LYS B 107 -34.63 1.86 1.08
N GLN B 108 -34.53 1.51 -0.20
CA GLN B 108 -34.76 0.14 -0.64
C GLN B 108 -33.49 -0.69 -0.76
N ASN B 109 -32.40 -0.11 -1.25
CA ASN B 109 -31.24 -0.89 -1.66
C ASN B 109 -30.18 -1.02 -0.57
N LEU B 110 -30.26 -0.24 0.51
CA LEU B 110 -29.35 -0.42 1.63
C LEU B 110 -29.79 -1.58 2.51
N PRO B 111 -31.08 -1.67 2.91
CA PRO B 111 -31.50 -2.87 3.66
C PRO B 111 -31.20 -4.16 2.92
N ARG B 112 -31.51 -4.23 1.63
CA ARG B 112 -31.10 -5.38 0.83
C ARG B 112 -29.59 -5.55 0.88
N MET B 113 -28.83 -4.48 0.59
CA MET B 113 -27.37 -4.55 0.69
C MET B 113 -26.96 -5.03 2.06
N PHE B 114 -27.65 -4.57 3.12
CA PHE B 114 -27.29 -4.97 4.47
C PHE B 114 -27.80 -6.37 4.79
N LYS B 115 -29.01 -6.70 4.33
CA LYS B 115 -29.59 -8.01 4.62
C LYS B 115 -28.68 -9.14 4.16
N LYS B 116 -28.04 -8.96 3.01
CA LYS B 116 -27.06 -9.96 2.57
C LYS B 116 -25.90 -10.04 3.54
N HIS B 117 -25.41 -8.89 4.00
CA HIS B 117 -24.17 -8.86 4.76
C HIS B 117 -24.26 -9.66 6.06
N GLU B 118 -25.42 -9.65 6.71
CA GLU B 118 -25.54 -10.38 7.97
C GLU B 118 -25.55 -11.89 7.73
N GLU B 119 -26.51 -12.38 6.92
CA GLU B 119 -26.67 -13.82 6.77
C GLU B 119 -25.49 -14.44 6.02
N GLU B 120 -24.80 -13.65 5.18
CA GLU B 120 -23.58 -14.14 4.55
C GLU B 120 -22.52 -14.51 5.60
N GLY B 121 -22.41 -13.71 6.65
CA GLY B 121 -21.46 -14.01 7.71
C GLY B 121 -20.51 -12.88 8.03
N ARG B 122 -20.85 -11.67 7.59
CA ARG B 122 -20.09 -10.46 7.90
C ARG B 122 -21.08 -9.34 8.19
N PRO B 123 -21.78 -9.42 9.33
CA PRO B 123 -22.85 -8.46 9.60
C PRO B 123 -22.30 -7.08 9.89
N ILE B 124 -23.17 -6.09 9.70
CA ILE B 124 -22.79 -4.68 9.83
C ILE B 124 -22.84 -4.29 11.30
N SER B 125 -21.70 -3.92 11.86
CA SER B 125 -21.64 -3.50 13.26
C SER B 125 -22.05 -2.04 13.43
N CYS B 126 -21.91 -1.23 12.38
CA CYS B 126 -22.15 0.20 12.47
C CYS B 126 -22.18 0.76 11.05
N ILE B 127 -23.11 1.67 10.80
CA ILE B 127 -23.07 2.49 9.61
C ILE B 127 -22.87 3.93 10.06
N ILE B 128 -22.04 4.66 9.32
CA ILE B 128 -21.77 6.07 9.58
C ILE B 128 -22.19 6.82 8.33
N ASN B 129 -22.77 8.01 8.54
CA ASN B 129 -23.24 8.85 7.45
C ASN B 129 -22.85 10.28 7.75
N ASN B 130 -22.76 11.09 6.69
CA ASN B 130 -22.61 12.53 6.78
C ASN B 130 -23.98 13.19 6.73
N PRO B 131 -24.10 14.46 7.13
CA PRO B 131 -25.44 15.04 7.31
C PRO B 131 -26.25 15.20 6.02
N PHE B 132 -25.63 15.26 4.85
CA PHE B 132 -26.42 15.50 3.64
C PHE B 132 -27.17 14.26 3.17
N ILE B 133 -27.16 13.20 3.96
CA ILE B 133 -28.02 12.04 3.77
C ILE B 133 -28.74 11.76 5.09
N PRO B 134 -29.46 12.73 5.65
CA PRO B 134 -29.88 12.64 7.06
C PRO B 134 -30.85 11.53 7.36
N TRP B 135 -31.25 10.74 6.36
CA TRP B 135 -32.23 9.69 6.56
C TRP B 135 -31.59 8.34 6.86
N VAL B 136 -30.27 8.23 6.74
CA VAL B 136 -29.61 6.95 7.03
C VAL B 136 -29.86 6.50 8.46
N PRO B 137 -29.70 7.33 9.49
CA PRO B 137 -30.02 6.87 10.86
C PRO B 137 -31.43 6.36 11.03
N GLU B 138 -32.39 6.77 10.20
CA GLU B 138 -33.74 6.22 10.31
C GLU B 138 -33.77 4.76 9.87
N VAL B 139 -33.11 4.46 8.76
CA VAL B 139 -32.94 3.07 8.34
C VAL B 139 -32.07 2.32 9.34
N ALA B 140 -31.08 3.02 9.91
CA ALA B 140 -30.20 2.38 10.90
C ALA B 140 -30.99 1.99 12.14
N GLU B 141 -31.81 2.90 12.67
CA GLU B 141 -32.55 2.61 13.88
C GLU B 141 -33.58 1.51 13.65
N SER B 142 -34.41 1.67 12.62
CA SER B 142 -35.47 0.69 12.35
C SER B 142 -34.91 -0.71 12.15
N LEU B 143 -33.69 -0.82 11.64
CA LEU B 143 -33.04 -2.11 11.47
C LEU B 143 -32.28 -2.57 12.71
N GLY B 144 -32.25 -1.76 13.77
CA GLY B 144 -31.56 -2.15 14.99
C GLY B 144 -30.04 -2.11 14.90
N ILE B 145 -29.48 -1.47 13.89
CA ILE B 145 -28.04 -1.35 13.72
C ILE B 145 -27.61 0.04 14.20
N PRO B 146 -26.55 0.15 15.00
CA PRO B 146 -26.18 1.46 15.55
C PRO B 146 -25.78 2.47 14.48
N SER B 147 -26.14 3.72 14.72
CA SER B 147 -25.85 4.82 13.83
C SER B 147 -24.81 5.74 14.45
N ALA B 148 -23.80 6.12 13.64
CA ALA B 148 -22.89 7.18 14.00
C ALA B 148 -22.90 8.24 12.90
N LEU B 149 -22.61 9.47 13.30
CA LEU B 149 -22.58 10.60 12.39
C LEU B 149 -21.17 11.13 12.27
N LEU B 150 -20.66 11.21 11.04
CA LEU B 150 -19.49 12.01 10.74
C LEU B 150 -19.93 13.42 10.37
N TRP B 151 -19.68 14.37 11.25
CA TRP B 151 -19.87 15.78 10.93
C TRP B 151 -18.65 16.26 10.16
N VAL B 152 -18.88 16.98 9.05
CA VAL B 152 -17.84 17.27 8.05
C VAL B 152 -17.55 18.77 7.95
N GLN B 153 -17.92 19.53 8.96
CA GLN B 153 -17.64 20.95 9.01
C GLN B 153 -17.13 21.25 10.40
N SER B 154 -17.03 22.52 10.76
CA SER B 154 -16.42 22.82 12.04
C SER B 154 -17.32 22.39 13.21
N CYS B 155 -16.75 22.46 14.41
CA CYS B 155 -17.60 22.31 15.58
C CYS B 155 -18.53 23.50 15.76
N ALA B 156 -18.08 24.70 15.34
CA ALA B 156 -18.91 25.90 15.39
C ALA B 156 -20.08 25.79 14.42
N SER B 157 -19.88 25.14 13.29
CA SER B 157 -20.96 24.87 12.35
C SER B 157 -22.00 23.93 12.97
N PHE B 158 -21.55 22.82 13.55
CA PHE B 158 -22.47 21.91 14.22
C PHE B 158 -23.24 22.61 15.32
N SER B 159 -22.53 23.38 16.15
CA SER B 159 -23.18 24.07 17.24
C SER B 159 -24.20 25.08 16.74
N SER B 160 -23.91 25.74 15.60
CA SER B 160 -24.88 26.64 14.99
C SER B 160 -26.17 25.91 14.60
N TYR B 161 -26.04 24.78 13.90
CA TYR B 161 -27.21 23.98 13.53
C TYR B 161 -27.90 23.37 14.75
N TYR B 162 -27.14 22.89 15.73
CA TYR B 162 -27.76 22.32 16.93
C TYR B 162 -28.64 23.35 17.63
N HIS B 163 -28.09 24.54 17.87
CA HIS B 163 -28.83 25.58 18.56
C HIS B 163 -29.96 26.15 17.72
N PHE B 164 -29.81 26.17 16.39
CA PHE B 164 -30.88 26.60 15.51
C PHE B 164 -32.06 25.64 15.58
N PHE B 165 -31.82 24.36 15.28
CA PHE B 165 -32.90 23.40 15.18
C PHE B 165 -33.66 23.29 16.50
N ASN B 166 -32.94 23.33 17.63
CA ASN B 166 -33.57 23.25 18.94
C ASN B 166 -34.09 24.59 19.44
N ASP B 167 -33.95 25.66 18.65
CA ASP B 167 -34.41 27.02 19.01
C ASP B 167 -33.85 27.48 20.35
N LEU B 168 -32.53 27.31 20.53
CA LEU B 168 -31.91 27.61 21.81
C LEU B 168 -31.40 29.04 21.90
N VAL B 169 -31.06 29.64 20.76
CA VAL B 169 -30.58 31.00 20.74
C VAL B 169 -31.24 31.67 19.55
N SER B 170 -31.37 32.99 19.63
CA SER B 170 -32.11 33.72 18.60
C SER B 170 -31.18 33.98 17.42
N PHE B 171 -31.72 33.77 16.23
CA PHE B 171 -31.09 33.89 14.94
C PHE B 171 -31.80 34.95 14.09
N PRO B 172 -31.18 35.42 13.01
CA PRO B 172 -31.90 36.31 12.10
C PRO B 172 -33.17 35.66 11.58
N THR B 173 -34.17 36.50 11.34
CA THR B 173 -35.51 36.12 10.92
C THR B 173 -35.97 37.15 9.89
N GLU B 174 -37.05 36.83 9.17
CA GLU B 174 -37.60 37.76 8.19
C GLU B 174 -37.92 39.11 8.80
N SER B 175 -38.32 39.15 10.08
CA SER B 175 -38.55 40.44 10.75
C SER B 175 -37.26 41.11 11.21
N ASN B 176 -36.15 40.38 11.37
CA ASN B 176 -34.91 41.06 11.77
C ASN B 176 -33.75 40.33 11.08
N LEU B 177 -33.45 40.75 9.83
CA LEU B 177 -32.50 40.01 9.00
C LEU B 177 -31.04 40.27 9.34
N LYS B 178 -30.70 41.39 9.96
CA LYS B 178 -29.31 41.69 10.32
C LYS B 178 -28.96 41.31 11.77
N LYS B 179 -29.80 40.56 12.47
CA LYS B 179 -29.57 40.29 13.89
C LYS B 179 -28.21 39.62 14.15
N ASP B 180 -27.52 40.07 15.20
CA ASP B 180 -26.34 39.37 15.72
C ASP B 180 -26.74 38.02 16.30
N VAL B 181 -25.76 37.11 16.42
CA VAL B 181 -26.01 35.78 16.98
C VAL B 181 -24.93 35.44 18.01
N CYS B 182 -25.37 35.14 19.23
CA CYS B 182 -24.52 34.95 20.40
C CYS B 182 -24.61 33.49 20.83
N LEU B 183 -23.73 32.70 20.30
CA LEU B 183 -23.67 31.29 20.61
C LEU B 183 -22.68 31.02 21.76
N PRO B 184 -22.99 30.02 22.61
CA PRO B 184 -22.07 29.68 23.71
C PRO B 184 -20.70 29.25 23.23
N SER B 185 -19.67 29.77 23.92
CA SER B 185 -18.25 29.44 23.70
C SER B 185 -17.79 29.74 22.27
N MET B 186 -18.41 30.73 21.64
CA MET B 186 -18.08 31.17 20.30
C MET B 186 -18.02 32.68 20.26
N PRO B 187 -17.30 33.27 19.30
CA PRO B 187 -17.39 34.72 19.14
C PRO B 187 -18.77 35.09 18.62
N MET B 188 -19.22 36.28 19.02
CA MET B 188 -20.46 36.82 18.45
C MET B 188 -20.39 36.78 16.93
N LEU B 189 -21.44 36.28 16.31
CA LEU B 189 -21.50 36.14 14.87
C LEU B 189 -22.43 37.22 14.29
N LYS B 190 -21.93 37.94 13.31
CA LYS B 190 -22.83 38.80 12.58
C LYS B 190 -23.81 37.94 11.78
N TYR B 191 -24.87 38.59 11.28
CA TYR B 191 -25.93 37.89 10.57
C TYR B 191 -25.41 37.10 9.37
N ASP B 192 -24.37 37.59 8.69
CA ASP B 192 -23.79 36.90 7.54
C ASP B 192 -22.62 35.98 7.91
N GLU B 193 -22.45 35.68 9.19
CA GLU B 193 -21.37 34.81 9.65
C GLU B 193 -21.88 33.51 10.27
N VAL B 194 -23.19 33.32 10.35
CA VAL B 194 -23.76 32.04 10.72
C VAL B 194 -23.92 31.26 9.42
N PRO B 195 -23.81 29.94 9.44
CA PRO B 195 -23.92 29.19 8.18
C PRO B 195 -25.13 29.66 7.36
N LEU B 196 -24.86 30.01 6.10
CA LEU B 196 -25.85 30.68 5.25
C LEU B 196 -27.03 29.77 4.89
N LEU B 197 -26.95 28.49 5.21
CA LEU B 197 -28.11 27.63 5.03
C LEU B 197 -29.22 27.98 6.01
N LEU B 198 -28.91 28.76 7.04
CA LEU B 198 -29.86 29.09 8.10
C LEU B 198 -30.48 30.48 7.93
N TYR B 199 -29.82 31.36 7.18
CA TYR B 199 -30.35 32.68 6.88
C TYR B 199 -31.75 32.56 6.30
N PRO B 200 -32.70 33.40 6.72
CA PRO B 200 -34.08 33.22 6.25
C PRO B 200 -34.22 33.39 4.75
N ILE B 201 -33.47 34.31 4.16
CA ILE B 201 -33.50 34.52 2.72
C ILE B 201 -32.50 33.57 2.08
N VAL B 202 -33.02 32.62 1.30
CA VAL B 202 -32.21 31.53 0.78
C VAL B 202 -32.77 31.13 -0.58
N PRO B 203 -31.91 30.93 -1.59
CA PRO B 203 -32.42 30.61 -2.93
C PRO B 203 -33.20 29.31 -2.93
N LEU B 204 -34.10 29.20 -3.89
CA LEU B 204 -34.99 28.05 -3.99
C LEU B 204 -34.27 26.71 -3.98
N PRO B 205 -33.21 26.48 -4.75
CA PRO B 205 -32.53 25.18 -4.65
C PRO B 205 -32.02 24.91 -3.24
N ILE B 206 -31.40 25.91 -2.62
CA ILE B 206 -30.64 25.75 -1.40
C ILE B 206 -31.52 25.40 -0.20
N ILE B 207 -32.85 25.51 -0.34
CA ILE B 207 -33.75 25.13 0.74
C ILE B 207 -33.60 23.65 1.09
N SER B 208 -33.48 22.80 0.07
CA SER B 208 -33.38 21.36 0.33
C SER B 208 -32.16 21.04 1.19
N LEU B 209 -31.02 21.67 0.89
CA LEU B 209 -29.82 21.49 1.69
C LEU B 209 -30.06 21.89 3.14
N LYS B 210 -30.73 23.03 3.36
CA LYS B 210 -31.10 23.42 4.72
C LYS B 210 -32.02 22.38 5.37
N ASN B 211 -32.97 21.86 4.60
CA ASN B 211 -33.89 20.86 5.13
C ASN B 211 -33.14 19.60 5.53
N ALA B 212 -32.02 19.30 4.87
CA ALA B 212 -31.25 18.10 5.19
C ALA B 212 -30.48 18.29 6.49
N MET B 213 -29.70 19.37 6.59
CA MET B 213 -29.07 19.72 7.87
C MET B 213 -30.09 19.71 9.00
N LEU B 214 -31.31 20.18 8.75
CA LEU B 214 -32.28 20.22 9.83
C LEU B 214 -32.72 18.82 10.21
N ARG B 215 -32.90 17.94 9.23
CA ARG B 215 -33.37 16.60 9.57
C ARG B 215 -32.27 15.81 10.28
N GLN B 216 -31.01 16.08 9.95
CA GLN B 216 -29.92 15.42 10.67
C GLN B 216 -29.94 15.82 12.15
N GLN B 217 -30.23 17.09 12.43
CA GLN B 217 -30.32 17.52 13.82
C GLN B 217 -31.48 16.83 14.54
N LYS B 218 -32.60 16.63 13.83
CA LYS B 218 -33.74 15.91 14.39
C LYS B 218 -33.41 14.46 14.68
N ASN B 219 -32.61 13.83 13.81
CA ASN B 219 -32.23 12.43 13.97
C ASN B 219 -30.93 12.26 14.72
N LEU B 220 -30.51 13.30 15.46
CA LEU B 220 -29.35 13.14 16.32
C LEU B 220 -29.64 12.15 17.43
N SER B 221 -30.89 12.12 17.89
CA SER B 221 -31.32 11.16 18.91
C SER B 221 -31.08 9.73 18.44
N LYS B 222 -31.26 9.46 17.15
CA LYS B 222 -30.95 8.14 16.64
C LYS B 222 -29.45 7.86 16.63
N THR B 223 -28.61 8.88 16.78
CA THR B 223 -27.17 8.70 16.68
C THR B 223 -26.53 8.57 18.06
N PHE B 224 -25.59 7.62 18.20
CA PHE B 224 -24.90 7.44 19.47
C PHE B 224 -23.57 8.20 19.59
N CYS B 225 -23.01 8.69 18.49
CA CYS B 225 -21.76 9.44 18.57
C CYS B 225 -21.61 10.32 17.34
N VAL B 226 -21.16 11.56 17.54
CA VAL B 226 -20.90 12.50 16.45
C VAL B 226 -19.40 12.67 16.35
N LEU B 227 -18.84 12.18 15.26
CA LEU B 227 -17.44 12.42 14.91
C LEU B 227 -17.33 13.76 14.21
N VAL B 228 -16.22 14.45 14.44
CA VAL B 228 -15.99 15.75 13.82
C VAL B 228 -14.53 15.84 13.42
N ASP B 229 -14.28 16.29 12.19
CA ASP B 229 -12.95 16.52 11.64
C ASP B 229 -12.42 17.86 12.14
N THR B 230 -12.12 17.89 13.43
CA THR B 230 -11.49 19.03 14.09
C THR B 230 -10.57 18.49 15.17
N PHE B 231 -9.77 19.35 15.78
CA PHE B 231 -8.96 18.91 16.91
C PHE B 231 -9.23 19.78 18.13
N GLN B 232 -9.02 19.17 19.29
CA GLN B 232 -9.46 19.71 20.57
C GLN B 232 -8.90 21.12 20.80
N GLN B 233 -7.61 21.32 20.55
CA GLN B 233 -7.03 22.65 20.77
C GLN B 233 -7.68 23.72 19.88
N LEU B 234 -8.20 23.32 18.72
CA LEU B 234 -8.72 24.32 17.79
C LEU B 234 -10.08 24.87 18.23
N GLU B 235 -10.94 24.02 18.80
CA GLU B 235 -12.28 24.38 19.26
C GLU B 235 -12.47 23.93 20.71
N ASP B 236 -11.44 24.20 21.53
CA ASP B 236 -11.35 23.62 22.86
C ASP B 236 -12.51 24.05 23.75
N GLU B 237 -12.65 25.36 23.98
CA GLU B 237 -13.73 25.84 24.84
C GLU B 237 -15.09 25.42 24.30
N LEU B 238 -15.23 25.32 22.99
CA LEU B 238 -16.53 24.96 22.42
C LEU B 238 -16.84 23.47 22.58
N ILE B 239 -15.87 22.62 22.22
CA ILE B 239 -16.06 21.17 22.35
C ILE B 239 -16.43 20.83 23.79
N HIS B 240 -15.90 21.58 24.76
CA HIS B 240 -16.14 21.27 26.16
C HIS B 240 -17.58 21.55 26.56
N TYR B 241 -18.07 22.76 26.27
CA TYR B 241 -19.47 23.06 26.48
C TYR B 241 -20.34 22.05 25.75
N LEU B 242 -20.03 21.79 24.48
CA LEU B 242 -20.85 20.89 23.68
C LEU B 242 -20.80 19.47 24.20
N SER B 243 -19.73 19.11 24.93
CA SER B 243 -19.58 17.74 25.43
C SER B 243 -20.65 17.40 26.45
N LYS B 244 -21.10 18.38 27.24
CA LYS B 244 -22.09 18.15 28.26
C LYS B 244 -23.51 18.30 27.73
N LEU B 245 -23.68 18.91 26.55
CA LEU B 245 -24.95 18.99 25.84
C LEU B 245 -25.09 17.86 24.84
N CYS B 246 -24.54 18.09 23.65
CA CYS B 246 -24.54 17.13 22.56
C CYS B 246 -23.10 16.68 22.33
N PRO B 247 -22.67 15.56 22.88
CA PRO B 247 -21.25 15.20 22.86
C PRO B 247 -20.71 15.07 21.44
N ILE B 248 -19.47 15.50 21.29
CA ILE B 248 -18.75 15.57 20.02
C ILE B 248 -17.40 14.88 20.24
N ARG B 249 -16.95 14.11 19.26
CA ARG B 249 -15.63 13.47 19.33
C ARG B 249 -14.71 14.04 18.26
N PRO B 250 -13.86 15.01 18.60
CA PRO B 250 -12.87 15.51 17.62
C PRO B 250 -11.85 14.44 17.26
N ILE B 251 -11.71 14.15 15.96
CA ILE B 251 -10.80 13.08 15.56
C ILE B 251 -9.96 13.49 14.34
N GLY B 252 -9.69 14.78 14.18
CA GLY B 252 -8.91 15.25 13.07
C GLY B 252 -7.65 15.95 13.53
N PRO B 253 -6.85 16.44 12.58
CA PRO B 253 -7.10 16.46 11.14
C PRO B 253 -7.09 15.10 10.45
N LEU B 254 -8.25 14.70 9.92
CA LEU B 254 -8.40 13.38 9.31
C LEU B 254 -7.41 13.16 8.16
N PHE B 255 -7.12 14.21 7.37
CA PHE B 255 -6.18 13.99 6.28
C PHE B 255 -4.78 13.67 6.79
N LYS B 256 -4.44 14.08 8.01
CA LYS B 256 -3.18 13.67 8.61
C LYS B 256 -3.19 12.20 9.00
N ILE B 257 -4.26 11.74 9.66
CA ILE B 257 -4.32 10.37 10.19
C ILE B 257 -4.32 9.33 9.07
N SER B 258 -4.84 9.68 7.89
CA SER B 258 -5.17 8.69 6.86
C SER B 258 -4.28 8.77 5.62
N ASP B 259 -4.06 9.96 5.08
CA ASP B 259 -3.08 10.09 4.00
C ASP B 259 -1.68 9.86 4.51
N THR B 260 -1.33 10.46 5.65
CA THR B 260 -0.10 10.11 6.36
C THR B 260 -0.37 8.92 7.27
N ALA B 272 -1.54 19.71 -12.28
CA ALA B 272 -1.34 18.85 -11.12
C ALA B 272 0.06 18.29 -11.05
N ASP B 273 0.61 17.87 -12.20
CA ASP B 273 1.89 17.18 -12.23
C ASP B 273 3.07 18.15 -12.35
N ASP B 274 2.93 19.17 -13.20
CA ASP B 274 3.94 20.23 -13.21
C ASP B 274 3.87 21.07 -11.94
N CYS B 275 2.84 20.88 -11.09
CA CYS B 275 2.64 21.73 -9.92
C CYS B 275 3.82 21.65 -8.95
N ILE B 276 4.04 20.47 -8.37
CA ILE B 276 5.06 20.32 -7.32
C ILE B 276 6.44 20.68 -7.87
N GLU B 277 6.77 20.16 -9.05
CA GLU B 277 8.03 20.52 -9.70
C GLU B 277 8.14 22.04 -9.86
N TRP B 278 7.12 22.67 -10.46
CA TRP B 278 7.14 24.13 -10.66
C TRP B 278 7.30 24.88 -9.35
N LEU B 279 6.63 24.43 -8.29
CA LEU B 279 6.78 25.07 -6.99
C LEU B 279 8.21 24.92 -6.47
N ASP B 280 8.83 23.76 -6.74
CA ASP B 280 10.21 23.51 -6.33
C ASP B 280 11.16 24.55 -6.91
N SER B 281 10.77 25.23 -7.99
CA SER B 281 11.64 26.23 -8.60
C SER B 281 11.49 27.61 -7.98
N LYS B 282 10.52 27.84 -7.10
CA LYS B 282 10.39 29.16 -6.51
C LYS B 282 11.06 29.21 -5.14
N SER B 283 11.31 30.44 -4.67
CA SER B 283 11.82 30.68 -3.33
C SER B 283 10.75 30.35 -2.29
N PRO B 284 11.15 30.07 -1.05
CA PRO B 284 10.17 29.84 0.01
C PRO B 284 9.37 31.10 0.31
N SER B 285 8.12 30.89 0.71
CA SER B 285 7.23 31.99 1.09
C SER B 285 7.13 33.00 -0.05
N SER B 286 6.89 32.49 -1.25
CA SER B 286 6.79 33.34 -2.43
C SER B 286 5.54 33.13 -3.28
N VAL B 287 4.84 32.02 -3.15
CA VAL B 287 3.80 31.66 -4.10
C VAL B 287 2.42 31.90 -3.47
N VAL B 288 1.64 32.77 -4.10
CA VAL B 288 0.22 32.88 -3.78
C VAL B 288 -0.49 31.70 -4.42
N TYR B 289 -1.07 30.84 -3.59
CA TYR B 289 -1.81 29.69 -4.11
C TYR B 289 -3.29 30.03 -4.03
N ILE B 290 -4.03 29.78 -5.11
CA ILE B 290 -5.42 30.23 -5.23
C ILE B 290 -6.30 29.06 -5.62
N SER B 291 -7.27 28.73 -4.77
CA SER B 291 -8.24 27.72 -5.17
C SER B 291 -9.50 27.90 -4.37
N PHE B 292 -10.62 27.65 -5.04
CA PHE B 292 -11.96 27.83 -4.47
C PHE B 292 -12.75 26.53 -4.43
N GLY B 293 -12.02 25.40 -4.40
CA GLY B 293 -12.63 24.10 -4.22
C GLY B 293 -13.16 23.44 -5.48
N SER B 294 -14.22 22.63 -5.34
CA SER B 294 -14.74 21.85 -6.45
C SER B 294 -16.08 22.34 -6.97
N ILE B 295 -16.78 23.20 -6.25
CA ILE B 295 -18.12 23.59 -6.68
C ILE B 295 -18.16 25.07 -7.06
N VAL B 296 -17.34 25.90 -6.40
CA VAL B 296 -17.53 27.34 -6.50
C VAL B 296 -17.11 27.79 -7.89
N HIS B 297 -17.96 28.59 -8.53
CA HIS B 297 -17.68 29.21 -9.82
C HIS B 297 -17.89 30.71 -9.65
N LEU B 298 -16.79 31.45 -9.55
CA LEU B 298 -16.92 32.89 -9.38
C LEU B 298 -17.55 33.52 -10.61
N LYS B 299 -18.02 34.75 -10.44
CA LYS B 299 -18.41 35.55 -11.59
C LYS B 299 -17.19 35.99 -12.38
N GLN B 300 -17.37 36.15 -13.69
CA GLN B 300 -16.25 36.53 -14.56
C GLN B 300 -15.63 37.84 -14.09
N GLU B 301 -16.47 38.83 -13.76
CA GLU B 301 -16.07 40.09 -13.14
C GLU B 301 -15.11 39.88 -11.97
N GLN B 302 -15.33 38.82 -11.19
CA GLN B 302 -14.47 38.56 -10.04
C GLN B 302 -13.14 37.94 -10.46
N ILE B 303 -13.17 36.99 -11.41
CA ILE B 303 -11.95 36.38 -11.91
C ILE B 303 -11.06 37.44 -12.52
N THR B 304 -11.68 38.36 -13.27
CA THR B 304 -10.97 39.46 -13.92
C THR B 304 -10.31 40.35 -12.89
N GLU B 305 -11.00 40.63 -11.78
CA GLU B 305 -10.42 41.48 -10.75
C GLU B 305 -9.21 40.82 -10.08
N ILE B 306 -9.21 39.49 -9.95
CA ILE B 306 -8.08 38.83 -9.29
C ILE B 306 -6.87 38.81 -10.22
N ALA B 307 -7.11 38.57 -11.51
CA ALA B 307 -6.00 38.51 -12.46
C ALA B 307 -5.25 39.84 -12.52
N TYR B 308 -5.99 40.94 -12.53
CA TYR B 308 -5.36 42.25 -12.62
C TYR B 308 -4.56 42.55 -11.36
N ALA B 309 -5.15 42.30 -10.20
CA ALA B 309 -4.42 42.39 -8.94
C ALA B 309 -3.14 41.57 -8.98
N LEU B 310 -3.22 40.37 -9.58
CA LEU B 310 -2.05 39.50 -9.65
C LEU B 310 -1.00 40.05 -10.61
N MET B 311 -1.47 40.61 -11.74
CA MET B 311 -0.59 41.29 -12.70
C MET B 311 0.06 42.53 -12.09
N ASN B 312 -0.75 43.35 -11.43
CA ASN B 312 -0.29 44.60 -10.81
C ASN B 312 0.79 44.37 -9.76
N ILE B 313 0.52 43.53 -8.75
CA ILE B 313 1.51 43.34 -7.69
C ILE B 313 2.65 42.41 -8.08
N ASN B 314 2.52 41.73 -9.21
CA ASN B 314 3.68 41.07 -9.82
C ASN B 314 4.25 40.00 -8.89
N ILE B 315 3.36 39.24 -8.27
CA ILE B 315 3.72 38.21 -7.31
C ILE B 315 3.65 36.86 -8.00
N SER B 316 4.44 35.92 -7.52
CA SER B 316 4.34 34.54 -7.99
C SER B 316 3.00 33.96 -7.54
N PHE B 317 2.43 33.08 -8.37
CA PHE B 317 1.15 32.49 -7.98
C PHE B 317 0.92 31.17 -8.72
N LEU B 318 0.13 30.32 -8.08
CA LEU B 318 -0.39 29.09 -8.67
C LEU B 318 -1.90 29.17 -8.55
N TRP B 319 -2.60 29.22 -9.69
CA TRP B 319 -4.03 29.48 -9.69
C TRP B 319 -4.75 28.24 -10.22
N VAL B 320 -5.64 27.67 -9.41
CA VAL B 320 -6.53 26.61 -9.85
C VAL B 320 -7.75 27.27 -10.50
N MET B 321 -8.05 26.90 -11.74
CA MET B 321 -9.23 27.41 -12.43
C MET B 321 -9.99 26.21 -12.96
N LYS B 322 -10.89 25.72 -12.13
CA LYS B 322 -11.67 24.54 -12.45
C LYS B 322 -12.54 24.81 -13.67
N PRO B 323 -12.44 24.02 -14.72
CA PRO B 323 -13.35 24.19 -15.87
C PRO B 323 -14.71 23.59 -15.58
N PRO B 324 -15.77 24.13 -16.21
CA PRO B 324 -17.08 23.48 -16.15
C PRO B 324 -17.05 22.09 -16.78
N GLN B 325 -17.67 21.13 -16.10
CA GLN B 325 -17.42 19.72 -16.32
C GLN B 325 -17.86 19.24 -17.71
N LYS B 326 -17.76 17.93 -17.91
CA LYS B 326 -18.25 17.31 -19.15
C LYS B 326 -19.72 17.64 -19.39
N ASP B 327 -20.50 17.75 -18.31
CA ASP B 327 -21.92 18.06 -18.45
C ASP B 327 -22.17 19.41 -19.11
N SER B 328 -21.19 20.32 -19.05
CA SER B 328 -21.23 21.60 -19.75
C SER B 328 -22.34 22.52 -19.25
N TYR B 329 -22.67 22.45 -17.95
CA TYR B 329 -23.73 23.29 -17.41
C TYR B 329 -23.26 24.72 -17.18
N ASP B 330 -21.99 24.89 -16.84
CA ASP B 330 -21.41 26.18 -16.46
C ASP B 330 -20.60 26.78 -17.62
N LYS B 331 -20.16 28.02 -17.44
CA LYS B 331 -19.46 28.77 -18.49
C LYS B 331 -17.99 28.96 -18.14
N GLN B 332 -17.12 28.76 -19.13
CA GLN B 332 -15.67 28.69 -18.90
C GLN B 332 -15.05 30.08 -18.89
N HIS B 333 -14.46 30.46 -17.75
CA HIS B 333 -13.82 31.76 -17.54
C HIS B 333 -12.78 32.10 -18.61
N VAL B 334 -12.41 33.38 -18.69
CA VAL B 334 -11.30 33.84 -19.50
C VAL B 334 -10.51 34.87 -18.71
N LEU B 335 -9.24 34.97 -19.02
CA LEU B 335 -8.31 35.89 -18.38
C LEU B 335 -8.16 37.14 -19.21
N PRO B 336 -7.56 38.20 -18.66
CA PRO B 336 -7.33 39.40 -19.47
C PRO B 336 -6.36 39.14 -20.60
N GLN B 337 -6.37 40.05 -21.59
CA GLN B 337 -5.60 39.82 -22.81
C GLN B 337 -4.11 39.68 -22.50
N GLY B 338 -3.51 38.62 -23.04
CA GLY B 338 -2.08 38.36 -22.83
C GLY B 338 -1.70 38.14 -21.39
N PHE B 339 -2.60 37.56 -20.58
CA PHE B 339 -2.35 37.43 -19.15
C PHE B 339 -1.13 36.58 -18.90
N LEU B 340 -1.03 35.44 -19.56
CA LEU B 340 0.05 34.50 -19.26
C LEU B 340 1.42 35.04 -19.67
N GLU B 341 1.49 35.87 -20.73
CA GLU B 341 2.76 36.44 -21.18
C GLU B 341 3.18 37.66 -20.37
N LYS B 342 2.23 38.40 -19.80
CA LYS B 342 2.58 39.48 -18.88
C LYS B 342 3.19 38.92 -17.59
N VAL B 343 2.61 37.85 -17.06
CA VAL B 343 3.13 37.30 -15.81
C VAL B 343 4.30 36.36 -16.08
N GLY B 344 4.33 35.69 -17.22
CA GLY B 344 5.45 34.83 -17.53
C GLY B 344 5.51 33.64 -16.60
N GLU B 345 6.69 33.39 -16.05
CA GLU B 345 6.95 32.21 -15.24
C GLU B 345 6.59 32.41 -13.77
N LYS B 346 6.34 33.65 -13.35
CA LYS B 346 5.83 33.91 -12.01
C LYS B 346 4.44 33.31 -11.82
N GLY B 347 3.65 33.23 -12.87
CA GLY B 347 2.26 32.80 -12.80
C GLY B 347 2.09 31.40 -13.38
N LYS B 348 1.26 30.60 -12.72
CA LYS B 348 0.89 29.28 -13.22
C LYS B 348 -0.59 29.05 -12.95
N VAL B 349 -1.27 28.49 -13.93
CA VAL B 349 -2.70 28.24 -13.87
C VAL B 349 -2.94 26.80 -14.26
N VAL B 350 -3.74 26.10 -13.45
CA VAL B 350 -4.06 24.70 -13.66
C VAL B 350 -5.56 24.52 -13.52
N LYS B 351 -6.05 23.40 -14.04
CA LYS B 351 -7.46 23.04 -13.86
C LYS B 351 -7.73 22.34 -12.54
N TRP B 352 -6.70 21.71 -11.95
CA TRP B 352 -6.86 20.93 -10.73
C TRP B 352 -5.48 20.67 -10.13
N SER B 353 -5.39 20.74 -8.81
CA SER B 353 -4.11 20.69 -8.13
C SER B 353 -4.06 19.58 -7.10
N PRO B 354 -2.89 19.03 -6.85
CA PRO B 354 -2.73 18.20 -5.66
C PRO B 354 -2.70 19.12 -4.46
N GLN B 355 -3.87 19.48 -3.93
CA GLN B 355 -3.89 20.59 -2.97
C GLN B 355 -3.18 20.20 -1.68
N GLU B 356 -3.38 18.96 -1.22
CA GLU B 356 -2.66 18.44 -0.06
C GLU B 356 -1.15 18.61 -0.18
N GLN B 357 -0.58 18.19 -1.31
CA GLN B 357 0.85 18.34 -1.52
C GLN B 357 1.21 19.81 -1.71
N VAL B 358 0.40 20.55 -2.48
CA VAL B 358 0.68 21.96 -2.72
C VAL B 358 0.78 22.71 -1.40
N LEU B 359 -0.11 22.41 -0.46
CA LEU B 359 -0.21 23.20 0.77
C LEU B 359 0.89 22.89 1.79
N SER B 360 1.48 21.70 1.75
CA SER B 360 2.64 21.39 2.57
C SER B 360 3.93 21.86 1.94
N HIS B 361 3.87 22.66 0.88
CA HIS B 361 5.07 23.06 0.14
C HIS B 361 5.57 24.40 0.64
N GLN B 362 6.88 24.47 0.95
CA GLN B 362 7.46 25.64 1.58
C GLN B 362 7.42 26.87 0.68
N SER B 363 7.25 26.70 -0.63
CA SER B 363 7.21 27.85 -1.52
C SER B 363 6.00 28.75 -1.27
N LEU B 364 4.98 28.26 -0.55
CA LEU B 364 3.72 29.00 -0.46
C LEU B 364 3.86 30.22 0.43
N ALA B 365 3.38 31.36 -0.04
CA ALA B 365 3.32 32.52 0.85
C ALA B 365 1.96 32.63 1.55
N CYS B 366 0.88 32.22 0.90
CA CYS B 366 -0.48 32.30 1.45
C CYS B 366 -1.40 31.46 0.58
N PHE B 367 -2.69 31.49 0.93
CA PHE B 367 -3.71 30.63 0.33
C PHE B 367 -5.01 31.44 0.25
N VAL B 368 -5.34 31.89 -0.96
CA VAL B 368 -6.63 32.53 -1.24
C VAL B 368 -7.65 31.41 -1.39
N THR B 369 -8.61 31.33 -0.45
CA THR B 369 -9.46 30.15 -0.32
C THR B 369 -10.92 30.55 -0.10
N HIS B 370 -11.82 29.70 -0.58
CA HIS B 370 -13.22 29.92 -0.31
C HIS B 370 -13.63 29.49 1.09
N CYS B 371 -12.69 28.95 1.88
CA CYS B 371 -12.90 28.63 3.30
C CYS B 371 -13.89 27.49 3.51
N GLY B 372 -14.00 26.57 2.57
CA GLY B 372 -14.61 25.30 2.88
C GLY B 372 -13.84 24.61 3.99
N TRP B 373 -14.53 23.75 4.75
CA TRP B 373 -13.91 23.26 5.97
C TRP B 373 -12.67 22.42 5.66
N ASN B 374 -12.76 21.55 4.65
CA ASN B 374 -11.64 20.67 4.37
C ASN B 374 -10.41 21.46 3.93
N SER B 375 -10.62 22.48 3.11
CA SER B 375 -9.51 23.36 2.73
C SER B 375 -9.04 24.18 3.92
N SER B 376 -9.95 24.49 4.85
CA SER B 376 -9.59 25.26 6.02
C SER B 376 -8.77 24.43 6.99
N MET B 377 -9.15 23.17 7.19
CA MET B 377 -8.36 22.28 8.06
C MET B 377 -7.00 21.96 7.45
N GLU B 378 -6.94 21.83 6.12
CA GLU B 378 -5.66 21.60 5.46
C GLU B 378 -4.74 22.82 5.53
N ALA B 379 -5.31 24.03 5.46
CA ALA B 379 -4.53 25.25 5.65
C ALA B 379 -3.93 25.31 7.04
N LEU B 380 -4.78 25.15 8.07
CA LEU B 380 -4.33 25.28 9.45
C LEU B 380 -3.31 24.23 9.81
N ALA B 381 -3.50 23.02 9.31
CA ALA B 381 -2.64 21.92 9.69
C ALA B 381 -1.33 21.93 8.92
N ASN B 382 -1.19 22.79 7.93
CA ASN B 382 0.05 22.98 7.20
C ASN B 382 0.73 24.31 7.49
N GLY B 383 0.21 25.06 8.46
CA GLY B 383 0.82 26.34 8.79
C GLY B 383 0.72 27.45 7.75
N ILE B 384 -0.33 27.47 6.93
CA ILE B 384 -0.43 28.38 5.79
C ILE B 384 -1.40 29.53 6.09
N ARG B 385 -0.93 30.76 5.92
CA ARG B 385 -1.78 31.95 6.01
C ARG B 385 -2.86 31.94 4.94
N VAL B 386 -4.00 32.57 5.25
CA VAL B 386 -5.16 32.54 4.37
C VAL B 386 -5.62 33.96 4.01
N VAL B 387 -6.12 34.10 2.78
CA VAL B 387 -6.93 35.25 2.33
C VAL B 387 -8.32 34.70 2.05
N THR B 388 -9.31 35.22 2.75
CA THR B 388 -10.62 34.60 2.80
C THR B 388 -11.53 35.27 1.78
N LEU B 389 -12.03 34.47 0.83
CA LEU B 389 -13.11 34.85 -0.08
C LEU B 389 -14.22 33.81 0.02
N PRO B 390 -14.88 33.72 1.18
CA PRO B 390 -15.99 32.78 1.30
C PRO B 390 -17.13 33.17 0.36
N GLN B 391 -17.94 32.18 0.03
CA GLN B 391 -19.10 32.42 -0.82
C GLN B 391 -20.40 32.15 -0.07
N TRP B 392 -20.64 30.92 0.38
CA TRP B 392 -21.92 30.59 0.99
C TRP B 392 -21.72 29.45 1.97
N GLY B 393 -22.83 28.93 2.49
CA GLY B 393 -22.80 27.81 3.44
C GLY B 393 -21.98 28.15 4.63
N ASP B 394 -21.24 27.15 5.14
CA ASP B 394 -20.39 27.38 6.29
C ASP B 394 -19.14 28.19 5.97
N GLN B 395 -18.90 28.56 4.72
CA GLN B 395 -17.65 29.26 4.42
C GLN B 395 -17.59 30.62 5.10
N VAL B 396 -18.74 31.26 5.33
CA VAL B 396 -18.77 32.54 6.02
C VAL B 396 -18.33 32.40 7.48
N THR B 397 -18.70 31.29 8.12
CA THR B 397 -18.27 31.05 9.50
C THR B 397 -16.78 30.70 9.55
N ASN B 398 -16.33 29.80 8.70
CA ASN B 398 -14.92 29.40 8.78
C ASN B 398 -14.00 30.59 8.51
N ALA B 399 -14.39 31.47 7.56
CA ALA B 399 -13.62 32.68 7.30
C ALA B 399 -13.61 33.61 8.50
N LYS B 400 -14.76 33.76 9.17
CA LYS B 400 -14.76 34.50 10.43
C LYS B 400 -13.75 33.91 11.43
N PHE B 401 -13.68 32.58 11.52
CA PHE B 401 -12.82 31.95 12.52
C PHE B 401 -11.36 32.02 12.14
N LEU B 402 -11.05 31.78 10.85
CA LEU B 402 -9.68 31.89 10.37
C LEU B 402 -9.06 33.24 10.67
N VAL B 403 -9.75 34.32 10.30
CA VAL B 403 -9.17 35.67 10.42
C VAL B 403 -9.16 36.14 11.87
N ASP B 404 -10.23 35.87 12.60
CA ASP B 404 -10.52 36.56 13.85
C ASP B 404 -10.33 35.73 15.10
N VAL B 405 -10.37 34.41 15.00
CA VAL B 405 -10.10 33.54 16.13
C VAL B 405 -8.77 32.84 15.99
N PHE B 406 -8.61 32.03 14.94
CA PHE B 406 -7.37 31.31 14.72
C PHE B 406 -6.23 32.26 14.39
N GLY B 407 -6.56 33.43 13.82
CA GLY B 407 -5.58 34.49 13.61
C GLY B 407 -4.58 34.20 12.52
N VAL B 408 -5.00 33.50 11.46
CA VAL B 408 -4.08 32.99 10.46
C VAL B 408 -4.22 33.71 9.11
N GLY B 409 -4.89 34.85 9.05
CA GLY B 409 -4.89 35.59 7.79
C GLY B 409 -5.85 36.77 7.76
N VAL B 410 -6.19 37.20 6.54
CA VAL B 410 -6.89 38.45 6.27
C VAL B 410 -8.20 38.20 5.57
N ARG B 411 -9.20 39.04 5.85
CA ARG B 411 -10.50 38.98 5.19
C ARG B 411 -10.48 39.69 3.83
N LEU B 412 -10.88 38.98 2.78
CA LEU B 412 -11.06 39.60 1.46
C LEU B 412 -12.52 39.83 1.09
N SER B 413 -13.40 38.88 1.33
CA SER B 413 -14.83 39.10 1.09
C SER B 413 -15.62 38.57 2.27
N ARG B 414 -16.95 38.67 2.13
CA ARG B 414 -17.89 38.22 3.13
C ARG B 414 -18.91 37.24 2.59
N GLY B 415 -18.95 37.01 1.29
CA GLY B 415 -19.82 35.97 0.77
C GLY B 415 -21.08 36.48 0.11
N ASP B 416 -22.05 35.56 -0.01
CA ASP B 416 -23.15 35.72 -0.96
C ASP B 416 -24.05 36.89 -0.60
N LEU B 417 -24.34 37.07 0.68
CA LEU B 417 -25.14 38.22 1.13
C LEU B 417 -24.48 39.53 0.77
N GLU B 418 -23.13 39.55 0.71
CA GLU B 418 -22.41 40.76 0.38
C GLU B 418 -22.76 41.26 -1.02
N ASP B 419 -22.74 40.36 -2.01
CA ASP B 419 -23.15 40.66 -3.37
C ASP B 419 -22.40 41.89 -3.90
N ARG B 420 -21.08 41.88 -3.72
CA ARG B 420 -20.21 42.88 -4.29
C ARG B 420 -19.02 42.18 -4.91
N ILE B 421 -18.56 42.71 -6.03
CA ILE B 421 -17.30 42.28 -6.62
C ILE B 421 -16.19 42.97 -5.86
N ILE B 422 -15.26 42.20 -5.31
CA ILE B 422 -14.10 42.76 -4.60
C ILE B 422 -13.14 43.32 -5.64
N PRO B 423 -12.91 44.62 -5.65
CA PRO B 423 -12.07 45.20 -6.72
C PRO B 423 -10.60 44.84 -6.50
N ARG B 424 -9.85 44.88 -7.60
CA ARG B 424 -8.47 44.39 -7.63
C ARG B 424 -7.61 45.08 -6.58
N GLU B 425 -7.87 46.35 -6.29
CA GLU B 425 -7.02 47.05 -5.36
C GLU B 425 -7.16 46.51 -3.95
N GLU B 426 -8.36 46.03 -3.61
CA GLU B 426 -8.55 45.41 -2.31
C GLU B 426 -7.83 44.08 -2.25
N ILE B 427 -8.02 43.25 -3.28
CA ILE B 427 -7.22 42.04 -3.43
C ILE B 427 -5.74 42.33 -3.26
N GLU B 428 -5.23 43.35 -3.96
CA GLU B 428 -3.80 43.65 -3.87
C GLU B 428 -3.40 44.01 -2.46
N LEU B 429 -4.28 44.71 -1.74
CA LEU B 429 -3.99 45.13 -0.38
C LEU B 429 -3.94 43.94 0.58
N ARG B 430 -4.86 42.99 0.46
CA ARG B 430 -4.83 41.84 1.38
C ARG B 430 -3.59 40.99 1.10
N LEU B 431 -3.20 40.85 -0.16
CA LEU B 431 -2.01 40.07 -0.47
C LEU B 431 -0.78 40.68 0.19
N LEU B 432 -0.67 42.01 0.19
CA LEU B 432 0.44 42.67 0.84
C LEU B 432 0.35 42.56 2.35
N GLU B 433 -0.88 42.57 2.89
CA GLU B 433 -1.07 42.42 4.32
C GLU B 433 -0.65 41.04 4.78
N VAL B 434 -0.94 40.02 3.97
CA VAL B 434 -0.73 38.66 4.40
C VAL B 434 0.71 38.21 4.12
N THR B 435 1.39 38.89 3.19
CA THR B 435 2.75 38.55 2.77
C THR B 435 3.83 39.38 3.46
N SER B 436 3.54 40.59 3.93
CA SER B 436 4.58 41.40 4.54
C SER B 436 4.05 42.47 5.50
N GLY B 437 2.74 42.74 5.47
CA GLY B 437 2.18 43.74 6.35
C GLY B 437 2.20 43.29 7.80
N GLU B 438 2.46 44.23 8.71
CA GLU B 438 3.07 44.00 10.02
C GLU B 438 2.61 42.75 10.75
N LYS B 439 1.32 42.42 10.70
CA LYS B 439 0.90 41.15 11.28
C LYS B 439 1.39 39.92 10.49
N ALA B 440 2.09 40.12 9.36
CA ALA B 440 2.40 38.98 8.49
C ALA B 440 3.25 37.94 9.21
N THR B 441 4.34 38.37 9.85
CA THR B 441 5.13 37.41 10.62
C THR B 441 4.34 36.89 11.82
N GLU B 442 3.54 37.76 12.44
CA GLU B 442 2.61 37.34 13.48
C GLU B 442 1.66 36.25 12.98
N MET B 443 0.99 36.48 11.84
CA MET B 443 0.01 35.53 11.33
C MET B 443 0.66 34.25 10.83
N LYS B 444 1.92 34.34 10.42
CA LYS B 444 2.69 33.14 10.11
C LYS B 444 3.02 32.36 11.39
N HIS B 445 3.41 33.05 12.45
CA HIS B 445 3.66 32.36 13.72
C HIS B 445 2.40 31.65 14.21
N ASN B 446 1.25 32.36 14.17
CA ASN B 446 -0.03 31.76 14.55
C ASN B 446 -0.31 30.49 13.77
N ALA B 447 -0.10 30.55 12.45
CA ALA B 447 -0.32 29.38 11.61
C ALA B 447 0.58 28.21 12.04
N LEU B 448 1.83 28.50 12.39
CA LEU B 448 2.77 27.42 12.64
C LEU B 448 2.41 26.70 13.92
N ARG B 449 1.94 27.44 14.92
CA ARG B 449 1.48 26.84 16.16
C ARG B 449 0.26 25.96 15.92
N TRP B 450 -0.69 26.41 15.07
CA TRP B 450 -1.80 25.53 14.70
C TRP B 450 -1.31 24.28 14.00
N LYS B 451 -0.31 24.41 13.13
CA LYS B 451 0.33 23.23 12.53
C LYS B 451 0.96 22.33 13.59
N LYS B 452 1.60 22.94 14.59
CA LYS B 452 2.17 22.19 15.71
C LYS B 452 1.10 21.43 16.50
N ALA B 453 -0.03 22.09 16.83
CA ALA B 453 -1.03 21.40 17.63
C ALA B 453 -1.83 20.41 16.80
N ALA B 454 -2.03 20.68 15.51
CA ALA B 454 -2.68 19.70 14.65
C ALA B 454 -1.88 18.42 14.60
N GLU B 455 -0.57 18.54 14.43
CA GLU B 455 0.30 17.37 14.40
C GLU B 455 0.24 16.63 15.73
N GLU B 456 0.38 17.38 16.83
CA GLU B 456 0.26 16.78 18.16
C GLU B 456 -1.04 16.01 18.32
N ALA B 457 -2.16 16.62 17.91
CA ALA B 457 -3.46 16.00 18.06
C ALA B 457 -3.54 14.63 17.39
N VAL B 458 -2.85 14.44 16.28
CA VAL B 458 -2.99 13.19 15.54
C VAL B 458 -1.80 12.25 15.75
N ALA B 459 -0.82 12.65 16.54
CA ALA B 459 0.28 11.75 16.93
C ALA B 459 -0.28 10.59 17.75
N LYS B 460 0.55 9.56 17.99
CA LYS B 460 0.03 8.27 18.45
C LYS B 460 -0.84 8.39 19.69
N ASP B 461 -0.47 9.27 20.61
CA ASP B 461 -1.28 9.43 21.80
C ASP B 461 -1.84 10.84 21.94
N GLY B 462 -2.00 11.55 20.82
CA GLY B 462 -2.67 12.84 20.86
C GLY B 462 -4.16 12.69 21.12
N SER B 463 -4.80 13.83 21.43
CA SER B 463 -6.24 13.90 21.63
C SER B 463 -7.02 13.17 20.53
N SER B 464 -6.82 13.55 19.27
CA SER B 464 -7.66 13.01 18.20
C SER B 464 -7.41 11.52 17.96
N SER B 465 -6.18 11.07 18.15
CA SER B 465 -5.92 9.63 18.04
C SER B 465 -6.53 8.87 19.21
N LYS B 466 -6.42 9.41 20.42
CA LYS B 466 -7.11 8.81 21.56
C LYS B 466 -8.61 8.77 21.30
N ASN B 467 -9.16 9.89 20.81
CA ASN B 467 -10.58 9.96 20.51
C ASN B 467 -10.99 8.88 19.54
N LEU B 468 -10.14 8.60 18.55
CA LEU B 468 -10.50 7.66 17.49
C LEU B 468 -10.42 6.22 17.96
N GLN B 469 -9.43 5.89 18.79
CA GLN B 469 -9.33 4.52 19.29
C GLN B 469 -10.48 4.19 20.22
N GLU B 470 -10.97 5.15 20.99
CA GLU B 470 -12.11 4.89 21.87
C GLU B 470 -13.41 4.74 21.09
N PHE B 471 -13.49 5.26 19.87
CA PHE B 471 -14.66 5.00 19.03
C PHE B 471 -14.62 3.58 18.46
N VAL B 472 -13.50 3.21 17.83
CA VAL B 472 -13.26 1.82 17.46
C VAL B 472 -13.51 0.91 18.65
N ASP B 473 -13.04 1.31 19.84
CA ASP B 473 -13.32 0.59 21.08
C ASP B 473 -14.82 0.29 21.21
N GLU B 474 -15.63 1.35 21.28
CA GLU B 474 -17.06 1.22 21.57
C GLU B 474 -17.73 0.18 20.68
N LEU B 475 -17.22 -0.02 19.48
CA LEU B 475 -17.85 -0.96 18.57
C LEU B 475 -17.54 -2.40 18.94
N ASN B 476 -16.30 -2.65 19.38
CA ASN B 476 -15.98 -3.94 19.99
C ASN B 476 -16.75 -4.12 21.29
N ASN B 477 -16.78 -3.09 22.13
CA ASN B 477 -17.58 -3.11 23.35
C ASN B 477 -19.06 -3.12 22.97
#